data_5DRN
#
_entry.id   5DRN
#
_cell.length_a   42.453
_cell.length_b   167.350
_cell.length_c   68.326
_cell.angle_alpha   90.000
_cell.angle_beta   98.930
_cell.angle_gamma   90.000
#
_symmetry.space_group_name_H-M   'P 1 21 1'
#
loop_
_entity.id
_entity.type
_entity.pdbx_description
1 polymer 'Fab Hpu24 Heavy chain'
2 polymer 'Fab Hpu24 Light chain'
3 non-polymer Hypusine
4 non-polymer GLYCEROL
5 water water
#
loop_
_entity_poly.entity_id
_entity_poly.type
_entity_poly.pdbx_seq_one_letter_code
_entity_poly.pdbx_strand_id
1 'polypeptide(L)'
;(PCA)EQLKESGGRLVAPGTPLTLTCTVSGFDISDYAMIWVRQAPGKGLEWIGIIYGGSNKLAYAKWAKGRFTISRTSTT
VDLKITSPTTEDTATYFCARGYGSMDGYDRLNLWGQGTLVTVSSGQPKGPSVFPLAPCCGDTPSSTVTLGCLVKGYLPEP
VTVTWNSGTLTNGVRTFPSVRQSSGLYSLSSVVSVTSSSQPVTCNVAHPATNTKVDKTVA
;
A,H
2 'polypeptide(L)'
;AAVLTQTPSPVSAAVGGTVTISCQSSETVYRGDWLSWFQKKPGQPPKLLIYDASYLASGVSSRFSGSGSGTHFTLTISGV
QCDDAATYYCLGGYYDDADDTFGGGTEVVVKGDPVAPTVLIFPPAADQVATGTVTIVCVANKYFPDVTVTWEVDGTTQTT
GIENSKTPQNSADCTYNLSSTLTLTSTQYNSHKEYTCKVTQGTTSVVQSFNRGDC
;
B,L
#
loop_
_chem_comp.id
_chem_comp.type
_chem_comp.name
_chem_comp.formula
GOL non-polymer GLYCEROL 'C3 H8 O3'
#
# COMPACT_ATOMS: atom_id res chain seq x y z
N PCA A 1 17.26 36.22 6.98
CA PCA A 1 16.87 34.92 7.49
CB PCA A 1 17.89 34.39 8.49
CG PCA A 1 18.84 35.55 8.79
CD PCA A 1 18.42 36.60 7.80
OE PCA A 1 19.03 37.66 7.66
C PCA A 1 15.52 35.02 8.20
O PCA A 1 15.36 35.73 9.18
N GLU A 2 14.53 34.32 7.67
CA GLU A 2 13.20 34.32 8.23
C GLU A 2 13.09 33.26 9.31
N GLN A 3 12.66 33.62 10.51
CA GLN A 3 12.55 32.68 11.63
C GLN A 3 11.34 32.87 12.53
N LEU A 4 10.91 31.79 13.21
CA LEU A 4 9.83 31.87 14.18
C LEU A 4 10.32 31.27 15.48
N LYS A 5 9.83 31.76 16.61
CA LYS A 5 10.22 31.22 17.90
C LYS A 5 9.08 31.34 18.90
N GLU A 6 8.63 30.20 19.43
CA GLU A 6 7.53 30.19 20.36
C GLU A 6 8.05 30.19 21.79
N SER A 7 7.32 30.83 22.69
CA SER A 7 7.74 30.91 24.08
C SER A 7 6.49 30.89 24.94
N GLY A 8 6.67 30.65 26.24
CA GLY A 8 5.58 30.74 27.19
C GLY A 8 5.00 29.43 27.65
N GLY A 9 5.42 28.32 27.03
CA GLY A 9 5.01 27.02 27.55
C GLY A 9 5.53 26.88 28.96
N ARG A 10 4.68 26.41 29.87
CA ARG A 10 5.06 26.19 31.27
C ARG A 10 3.98 25.34 31.91
N LEU A 11 4.19 24.99 33.17
CA LEU A 11 3.23 24.19 33.92
C LEU A 11 2.09 25.06 34.47
N VAL A 12 0.84 24.67 34.26
CA VAL A 12 -0.31 25.34 34.90
C VAL A 12 -1.31 24.31 35.44
N ALA A 13 -2.02 24.68 36.50
CA ALA A 13 -3.18 23.91 36.99
C ALA A 13 -4.35 24.06 36.00
N PRO A 14 -5.24 23.05 35.94
CA PRO A 14 -6.42 23.16 35.08
C PRO A 14 -7.22 24.39 35.44
N GLY A 15 -7.78 25.05 34.43
CA GLY A 15 -8.55 26.25 34.69
C GLY A 15 -7.74 27.53 34.74
N THR A 16 -6.43 27.42 34.95
CA THR A 16 -5.58 28.62 34.95
C THR A 16 -5.17 29.00 33.52
N PRO A 17 -5.64 30.18 33.06
CA PRO A 17 -5.36 30.65 31.70
C PRO A 17 -3.88 30.78 31.42
N LEU A 18 -3.51 30.55 30.16
CA LEU A 18 -2.13 30.57 29.73
C LEU A 18 -1.99 31.19 28.35
N THR A 19 -1.04 32.10 28.18
CA THR A 19 -0.76 32.69 26.86
C THR A 19 0.61 32.32 26.28
N LEU A 20 0.60 31.76 25.05
CA LEU A 20 1.83 31.46 24.32
C LEU A 20 2.12 32.57 23.31
N THR A 21 3.39 32.78 22.99
CA THR A 21 3.79 33.80 22.03
C THR A 21 4.70 33.23 20.94
N CYS A 22 4.42 33.57 19.68
CA CYS A 22 5.34 33.31 18.60
C CYS A 22 5.97 34.61 18.12
N THR A 23 7.28 34.77 18.36
CA THR A 23 8.01 35.95 17.91
C THR A 23 8.66 35.72 16.53
N VAL A 24 8.41 36.66 15.63
CA VAL A 24 8.83 36.55 14.24
C VAL A 24 10.11 37.35 14.02
N SER A 25 10.99 36.90 13.12
CA SER A 25 12.10 37.77 12.69
C SER A 25 12.43 37.60 11.21
N GLY A 26 12.87 38.69 10.58
CA GLY A 26 13.28 38.65 9.18
C GLY A 26 12.15 38.79 8.15
N PHE A 27 10.91 38.94 8.63
CA PHE A 27 9.80 39.28 7.75
C PHE A 27 8.71 39.97 8.57
N ASP A 28 7.73 40.53 7.87
CA ASP A 28 6.61 41.23 8.48
C ASP A 28 5.36 40.35 8.54
N ILE A 29 4.82 40.15 9.72
CA ILE A 29 3.60 39.36 9.92
C ILE A 29 2.48 39.83 9.00
N SER A 30 2.42 41.14 8.76
CA SER A 30 1.37 41.73 7.91
C SER A 30 1.35 41.19 6.49
N ASP A 31 2.44 40.57 6.04
CA ASP A 31 2.51 40.08 4.66
C ASP A 31 2.14 38.61 4.53
N TYR A 32 1.85 37.96 5.65
CA TYR A 32 1.62 36.52 5.66
C TYR A 32 0.39 36.13 6.47
N ALA A 33 0.17 34.84 6.65
CA ALA A 33 -0.78 34.37 7.65
C ALA A 33 0.00 33.56 8.66
N MET A 34 -0.49 33.51 9.90
CA MET A 34 0.16 32.72 10.95
C MET A 34 -0.83 31.72 11.52
N ILE A 35 -0.35 30.49 11.69
CA ILE A 35 -1.16 29.36 12.07
C ILE A 35 -0.66 28.73 13.36
N TRP A 36 -1.55 28.34 14.27
CA TRP A 36 -1.11 27.58 15.45
C TRP A 36 -1.50 26.10 15.31
N VAL A 37 -0.60 25.21 15.71
CA VAL A 37 -0.83 23.78 15.66
C VAL A 37 -0.29 23.20 16.96
N ARG A 38 -0.81 22.07 17.42
CA ARG A 38 -0.15 21.38 18.54
C ARG A 38 -0.04 19.87 18.36
N GLN A 39 0.72 19.24 19.25
CA GLN A 39 0.76 17.79 19.33
C GLN A 39 0.86 17.35 20.80
N ALA A 40 -0.17 16.70 21.30
CA ALA A 40 -0.14 16.11 22.63
C ALA A 40 0.76 14.90 22.61
N PRO A 41 1.36 14.57 23.77
CA PRO A 41 2.21 13.38 23.76
C PRO A 41 1.36 12.16 23.38
N GLY A 42 1.84 11.42 22.39
CA GLY A 42 1.20 10.19 21.98
C GLY A 42 0.18 10.35 20.87
N LYS A 43 -0.32 11.57 20.70
CA LYS A 43 -1.34 11.85 19.72
C LYS A 43 -0.77 12.49 18.46
N GLY A 44 -1.62 12.76 17.48
CA GLY A 44 -1.15 13.32 16.23
C GLY A 44 -1.15 14.85 16.21
N LEU A 45 -0.75 15.43 15.07
CA LEU A 45 -0.81 16.88 14.89
C LEU A 45 -2.26 17.38 14.78
N GLU A 46 -2.48 18.58 15.28
CA GLU A 46 -3.83 19.12 15.38
C GLU A 46 -3.82 20.62 15.06
N TRP A 47 -4.61 21.02 14.07
CA TRP A 47 -4.67 22.39 13.59
C TRP A 47 -5.58 23.19 14.55
N ILE A 48 -5.10 24.32 15.04
CA ILE A 48 -5.87 25.07 16.04
C ILE A 48 -6.55 26.33 15.47
N GLY A 49 -5.79 27.12 14.71
CA GLY A 49 -6.31 28.38 14.22
C GLY A 49 -5.31 29.15 13.39
N ILE A 50 -5.77 30.27 12.85
CA ILE A 50 -5.03 31.06 11.88
C ILE A 50 -5.38 32.55 12.00
N ILE A 51 -4.38 33.41 11.86
CA ILE A 51 -4.61 34.85 11.75
C ILE A 51 -3.95 35.38 10.48
N TYR A 52 -4.67 36.20 9.72
CA TYR A 52 -4.11 36.75 8.49
C TYR A 52 -3.51 38.10 8.84
N GLY A 53 -2.29 38.34 8.40
CA GLY A 53 -1.57 39.54 8.79
C GLY A 53 -2.11 40.77 8.08
N GLY A 54 -2.81 40.57 6.98
CA GLY A 54 -3.27 41.70 6.20
C GLY A 54 -4.72 42.14 6.38
N SER A 55 -5.53 41.36 7.10
CA SER A 55 -6.96 41.60 7.16
C SER A 55 -7.47 41.41 8.58
N ASN A 56 -8.78 41.49 8.72
CA ASN A 56 -9.43 41.14 9.98
C ASN A 56 -9.79 39.65 10.08
N LYS A 57 -9.27 38.83 9.15
CA LYS A 57 -9.65 37.42 9.10
C LYS A 57 -8.90 36.58 10.13
N LEU A 58 -9.62 35.66 10.74
CA LEU A 58 -9.07 34.88 11.83
C LEU A 58 -10.07 33.75 11.99
N ALA A 59 -9.60 32.52 12.14
CA ALA A 59 -10.52 31.42 12.37
C ALA A 59 -9.94 30.43 13.36
N TYR A 60 -10.82 29.79 14.13
CA TYR A 60 -10.43 28.69 15.00
C TYR A 60 -11.00 27.40 14.45
N ALA A 61 -10.34 26.29 14.73
CA ALA A 61 -10.89 24.98 14.38
C ALA A 61 -12.31 24.87 14.94
N LYS A 62 -13.19 24.22 14.19
CA LYS A 62 -14.59 24.11 14.60
C LYS A 62 -14.74 23.54 16.01
N TRP A 63 -13.84 22.63 16.39
CA TRP A 63 -13.92 22.00 17.70
C TRP A 63 -13.49 22.91 18.85
N ALA A 64 -12.82 24.03 18.55
CA ALA A 64 -12.27 24.92 19.58
C ALA A 64 -13.32 25.43 20.56
N LYS A 65 -14.40 26.00 20.04
CA LYS A 65 -15.53 26.45 20.84
C LYS A 65 -15.11 27.41 21.95
N GLY A 66 -14.34 28.42 21.57
CA GLY A 66 -13.88 29.41 22.52
C GLY A 66 -12.75 28.97 23.44
N ARG A 67 -12.19 27.79 23.22
CA ARG A 67 -11.06 27.29 24.04
C ARG A 67 -9.79 28.10 23.83
N PHE A 68 -9.68 28.73 22.67
CA PHE A 68 -8.49 29.50 22.31
C PHE A 68 -8.83 30.88 21.85
N THR A 69 -7.94 31.82 22.13
CA THR A 69 -7.98 33.14 21.55
C THR A 69 -6.64 33.42 20.86
N ILE A 70 -6.73 33.90 19.62
CA ILE A 70 -5.52 34.28 18.89
C ILE A 70 -5.48 35.78 18.67
N SER A 71 -4.33 36.41 18.81
CA SER A 71 -4.16 37.84 18.51
C SER A 71 -2.73 38.15 18.06
N ARG A 72 -2.47 39.41 17.69
CA ARG A 72 -1.11 39.79 17.30
C ARG A 72 -0.63 41.10 17.94
N THR A 73 0.67 41.35 17.85
CA THR A 73 1.22 42.67 18.06
C THR A 73 1.98 42.94 16.77
N SER A 74 2.91 43.88 16.79
CA SER A 74 3.62 44.21 15.54
C SER A 74 4.66 43.14 15.12
N THR A 75 5.19 42.40 16.08
CA THR A 75 6.21 41.38 15.75
C THR A 75 5.93 39.99 16.34
N THR A 76 4.77 39.82 16.96
CA THR A 76 4.39 38.56 17.59
C THR A 76 2.96 38.21 17.23
N VAL A 77 2.67 36.95 17.38
CA VAL A 77 1.31 36.50 17.35
C VAL A 77 1.13 35.70 18.62
N ASP A 78 -0.05 35.71 19.19
CA ASP A 78 -0.24 35.01 20.45
C ASP A 78 -1.38 34.01 20.43
N LEU A 79 -1.27 32.98 21.29
CA LEU A 79 -2.35 32.01 21.48
C LEU A 79 -2.65 31.90 22.96
N LYS A 80 -3.86 32.31 23.36
CA LYS A 80 -4.29 32.18 24.74
C LYS A 80 -5.19 30.96 24.87
N ILE A 81 -4.88 30.09 25.83
CA ILE A 81 -5.73 28.94 26.15
C ILE A 81 -6.61 29.33 27.34
N THR A 82 -7.89 29.54 27.06
CA THR A 82 -8.72 30.27 28.00
C THR A 82 -9.01 29.52 29.30
N SER A 83 -9.24 28.21 29.23
CA SER A 83 -9.40 27.43 30.46
C SER A 83 -8.81 26.03 30.34
N PRO A 84 -7.48 25.92 30.49
CA PRO A 84 -6.78 24.67 30.16
C PRO A 84 -7.29 23.44 30.93
N THR A 85 -7.30 22.29 30.24
CA THR A 85 -7.62 21.01 30.84
C THR A 85 -6.42 20.09 30.56
N THR A 86 -6.35 18.92 31.19
CA THR A 86 -5.19 18.05 31.00
C THR A 86 -5.01 17.70 29.52
N GLU A 87 -6.11 17.72 28.77
CA GLU A 87 -6.09 17.46 27.33
C GLU A 87 -5.26 18.49 26.56
N ASP A 88 -5.02 19.66 27.13
CA ASP A 88 -4.24 20.67 26.42
C ASP A 88 -2.72 20.56 26.66
N THR A 89 -2.31 19.54 27.42
CA THR A 89 -0.90 19.27 27.57
C THR A 89 -0.37 18.84 26.21
N ALA A 90 0.67 19.52 25.71
CA ALA A 90 1.08 19.35 24.33
C ALA A 90 2.23 20.29 24.02
N THR A 91 2.90 20.06 22.89
CA THR A 91 3.80 21.05 22.32
C THR A 91 3.02 21.86 21.28
N TYR A 92 3.16 23.18 21.33
CA TYR A 92 2.45 24.10 20.44
C TYR A 92 3.45 24.69 19.48
N PHE A 93 3.12 24.66 18.20
CA PHE A 93 3.99 25.21 17.15
C PHE A 93 3.32 26.34 16.41
N CYS A 94 4.14 27.29 15.96
CA CYS A 94 3.71 28.44 15.19
C CYS A 94 4.22 28.22 13.75
N ALA A 95 3.39 28.51 12.74
CA ALA A 95 3.82 28.33 11.35
C ALA A 95 3.38 29.50 10.44
N ARG A 96 4.23 29.86 9.49
CA ARG A 96 3.91 30.93 8.55
C ARG A 96 3.36 30.32 7.27
N GLY A 97 2.25 30.90 6.81
CA GLY A 97 1.67 30.53 5.54
C GLY A 97 1.66 31.71 4.59
N TYR A 98 1.59 31.44 3.29
CA TYR A 98 1.49 32.50 2.30
C TYR A 98 0.02 32.83 2.06
N GLY A 99 -0.29 34.12 1.88
CA GLY A 99 -1.66 34.59 1.65
C GLY A 99 -2.01 35.44 2.85
N SER A 100 -1.95 36.77 2.68
CA SER A 100 -2.08 37.69 3.83
C SER A 100 -3.51 38.13 4.10
N MET A 101 -4.39 37.89 3.12
CA MET A 101 -5.70 38.56 3.08
C MET A 101 -6.87 37.66 3.50
N ASP A 102 -7.10 36.63 2.68
CA ASP A 102 -8.12 35.63 2.91
C ASP A 102 -7.81 34.48 1.91
N GLY A 103 -7.38 33.34 2.43
CA GLY A 103 -6.83 32.27 1.60
C GLY A 103 -5.36 32.09 1.97
N TYR A 104 -4.98 30.90 2.42
CA TYR A 104 -3.58 30.66 2.77
C TYR A 104 -3.12 29.32 2.18
N ASP A 105 -1.80 29.15 2.11
CA ASP A 105 -1.22 27.89 1.63
C ASP A 105 0.25 27.82 2.07
N ARG A 106 0.82 26.63 1.89
CA ARG A 106 2.25 26.40 1.85
C ARG A 106 2.90 26.76 3.17
N LEU A 107 2.65 25.92 4.18
CA LEU A 107 3.22 26.13 5.51
C LEU A 107 4.66 25.60 5.52
N ASN A 108 5.58 26.43 5.06
CA ASN A 108 6.98 26.01 4.90
C ASN A 108 7.96 26.62 5.93
N LEU A 109 7.43 27.34 6.90
CA LEU A 109 8.28 27.89 7.97
C LEU A 109 7.63 27.61 9.32
N TRP A 110 8.37 26.95 10.21
CA TRP A 110 7.89 26.52 11.53
C TRP A 110 8.88 26.89 12.64
N GLY A 111 8.35 27.15 13.83
CA GLY A 111 9.17 27.34 15.01
C GLY A 111 9.53 25.98 15.61
N GLN A 112 10.33 26.00 16.66
CA GLN A 112 10.73 24.78 17.34
C GLN A 112 9.65 24.25 18.27
N GLY A 113 8.72 25.13 18.64
CA GLY A 113 7.60 24.76 19.47
C GLY A 113 7.84 25.11 20.92
N THR A 114 6.77 25.24 21.69
CA THR A 114 6.88 25.46 23.13
C THR A 114 6.00 24.47 23.89
N LEU A 115 6.47 23.99 25.04
CA LEU A 115 5.82 22.84 25.71
C LEU A 115 4.92 23.26 26.86
N VAL A 116 3.63 22.94 26.75
CA VAL A 116 2.65 23.28 27.78
C VAL A 116 2.29 22.04 28.59
N THR A 117 2.25 22.19 29.90
CA THR A 117 1.85 21.10 30.78
C THR A 117 0.70 21.53 31.69
N VAL A 118 -0.39 20.76 31.69
CA VAL A 118 -1.52 21.11 32.55
C VAL A 118 -1.71 20.04 33.60
N SER A 119 -1.48 20.41 34.84
CA SER A 119 -1.44 19.42 35.91
C SER A 119 -1.62 20.08 37.24
N SER A 120 -2.20 19.34 38.19
CA SER A 120 -2.43 19.86 39.54
C SER A 120 -1.19 19.73 40.42
N GLY A 121 -0.13 19.14 39.89
CA GLY A 121 1.09 18.94 40.67
C GLY A 121 1.93 20.20 40.74
N GLN A 122 2.81 20.29 41.73
CA GLN A 122 3.72 21.43 41.82
C GLN A 122 4.99 21.09 41.05
N PRO A 123 5.68 22.11 40.50
CA PRO A 123 6.93 21.87 39.77
C PRO A 123 7.92 21.12 40.68
N LYS A 124 8.79 20.32 40.09
CA LYS A 124 9.70 19.54 40.88
C LYS A 124 10.95 19.21 40.06
N GLY A 125 12.12 19.59 40.60
CA GLY A 125 13.37 19.34 39.92
C GLY A 125 13.72 17.86 40.03
N PRO A 126 14.54 17.36 39.12
CA PRO A 126 14.87 15.93 39.08
C PRO A 126 15.89 15.48 40.16
N SER A 127 15.80 14.23 40.59
CA SER A 127 16.91 13.57 41.28
C SER A 127 17.75 12.88 40.20
N VAL A 128 19.08 12.91 40.34
CA VAL A 128 19.97 12.35 39.34
C VAL A 128 20.81 11.24 39.98
N PHE A 129 20.75 10.04 39.41
CA PHE A 129 21.44 8.88 39.96
C PHE A 129 22.40 8.30 38.94
N PRO A 130 23.63 7.96 39.37
CA PRO A 130 24.60 7.41 38.42
C PRO A 130 24.24 5.96 38.10
N LEU A 131 24.48 5.55 36.87
CA LEU A 131 24.29 4.16 36.44
C LEU A 131 25.66 3.65 36.07
N ALA A 132 26.12 2.64 36.78
CA ALA A 132 27.36 1.99 36.41
C ALA A 132 27.12 0.49 36.45
N PRO A 133 27.81 -0.27 35.60
CA PRO A 133 27.53 -1.71 35.51
C PRO A 133 28.08 -2.46 36.74
N CYS A 134 27.65 -3.69 36.95
CA CYS A 134 28.16 -4.49 38.07
C CYS A 134 29.64 -4.86 37.84
N CYS A 135 29.96 -5.20 36.58
CA CYS A 135 31.32 -5.52 36.09
C CYS A 135 31.79 -6.96 36.34
N GLY A 136 32.28 -7.59 35.27
CA GLY A 136 32.68 -8.98 35.30
C GLY A 136 34.17 -9.19 35.38
N ASP A 137 34.58 -10.45 35.20
CA ASP A 137 35.96 -10.87 35.41
C ASP A 137 36.90 -10.49 34.26
N THR A 138 36.38 -10.46 33.04
CA THR A 138 37.20 -10.07 31.90
C THR A 138 37.03 -8.57 31.69
N PRO A 139 38.07 -7.79 32.04
CA PRO A 139 37.94 -6.33 31.99
C PRO A 139 37.81 -5.87 30.54
N SER A 140 37.04 -4.82 30.31
CA SER A 140 36.90 -4.30 28.97
C SER A 140 37.67 -2.99 28.84
N SER A 141 38.07 -2.67 27.61
CA SER A 141 38.72 -1.42 27.34
C SER A 141 37.64 -0.34 27.18
N THR A 142 36.38 -0.76 27.07
CA THR A 142 35.27 0.21 26.99
C THR A 142 34.22 -0.05 28.06
N VAL A 143 33.45 0.98 28.37
CA VAL A 143 32.42 0.83 29.37
C VAL A 143 31.27 1.75 29.03
N THR A 144 30.06 1.34 29.38
CA THR A 144 28.90 2.17 29.20
C THR A 144 28.40 2.61 30.59
N LEU A 145 28.29 3.92 30.77
CA LEU A 145 27.82 4.51 32.01
C LEU A 145 26.55 5.30 31.71
N GLY A 146 25.85 5.76 32.74
CA GLY A 146 24.64 6.50 32.48
C GLY A 146 24.19 7.31 33.66
N CYS A 147 23.12 8.08 33.47
CA CYS A 147 22.45 8.78 34.55
CA CYS A 147 22.45 8.67 34.60
C CYS A 147 20.96 8.60 34.46
N LEU A 148 20.33 8.33 35.59
CA LEU A 148 18.89 8.21 35.69
C LEU A 148 18.38 9.55 36.23
N VAL A 149 17.45 10.16 35.49
CA VAL A 149 16.97 11.51 35.86
C VAL A 149 15.52 11.31 36.24
N LYS A 150 15.21 11.38 37.53
CA LYS A 150 13.95 10.83 37.99
C LYS A 150 13.12 11.86 38.74
N GLY A 151 11.82 11.82 38.54
CA GLY A 151 10.87 12.50 39.40
C GLY A 151 10.74 13.99 39.19
N TYR A 152 10.72 14.43 37.94
CA TYR A 152 10.61 15.85 37.69
C TYR A 152 9.29 16.20 36.99
N LEU A 153 8.94 17.49 37.03
CA LEU A 153 7.70 18.01 36.46
C LEU A 153 7.82 19.52 36.39
N PRO A 154 7.53 20.14 35.23
CA PRO A 154 7.13 19.59 33.94
C PRO A 154 8.35 19.18 33.13
N GLU A 155 8.14 18.53 31.98
CA GLU A 155 9.20 18.37 30.99
C GLU A 155 9.49 19.75 30.50
N PRO A 156 10.65 19.98 29.87
CA PRO A 156 11.74 19.04 29.57
C PRO A 156 12.89 19.17 30.56
N VAL A 157 13.82 18.21 30.51
CA VAL A 157 15.14 18.41 31.08
C VAL A 157 16.12 18.30 29.93
N THR A 158 17.34 18.81 30.09
CA THR A 158 18.34 18.50 29.09
C THR A 158 19.43 17.72 29.80
N VAL A 159 20.11 16.83 29.08
CA VAL A 159 21.23 16.07 29.63
C VAL A 159 22.41 16.21 28.69
N THR A 160 23.57 16.65 29.22
CA THR A 160 24.79 16.60 28.43
C THR A 160 25.79 15.75 29.18
N TRP A 161 26.90 15.42 28.52
CA TRP A 161 28.02 14.71 29.13
C TRP A 161 29.30 15.54 29.07
N ASN A 162 30.01 15.57 30.19
CA ASN A 162 31.25 16.34 30.32
C ASN A 162 31.11 17.75 29.74
N SER A 163 30.01 18.42 30.10
CA SER A 163 29.71 19.80 29.68
C SER A 163 29.64 19.97 28.19
N GLY A 164 29.22 18.92 27.48
CA GLY A 164 29.05 19.02 26.05
C GLY A 164 30.18 18.43 25.21
N THR A 165 31.29 18.09 25.86
CA THR A 165 32.46 17.62 25.13
C THR A 165 32.51 16.09 24.99
N LEU A 166 31.47 15.43 25.48
CA LEU A 166 31.30 14.01 25.26
C LEU A 166 29.92 13.80 24.64
N THR A 167 29.90 13.40 23.37
CA THR A 167 28.64 13.28 22.62
C THR A 167 28.54 12.01 21.77
N ASN A 168 29.69 11.47 21.35
CA ASN A 168 29.72 10.32 20.46
C ASN A 168 28.83 9.17 20.95
N GLY A 169 27.75 8.90 20.20
CA GLY A 169 26.87 7.75 20.44
C GLY A 169 25.95 7.83 21.67
N VAL A 170 25.82 9.00 22.29
CA VAL A 170 25.04 9.10 23.52
C VAL A 170 23.61 8.63 23.22
N ARG A 171 23.03 7.86 24.12
CA ARG A 171 21.61 7.56 24.01
C ARG A 171 20.82 8.18 25.14
N THR A 172 19.97 9.17 24.84
CA THR A 172 19.07 9.69 25.85
C THR A 172 17.66 9.25 25.49
N PHE A 173 17.03 8.48 26.36
CA PHE A 173 15.74 7.89 26.02
C PHE A 173 14.58 8.87 26.23
N PRO A 174 13.46 8.69 25.46
CA PRO A 174 12.28 9.53 25.68
C PRO A 174 11.80 9.41 27.11
N SER A 175 11.32 10.50 27.67
CA SER A 175 10.83 10.47 29.02
C SER A 175 9.59 9.58 29.12
N VAL A 176 9.35 9.09 30.32
CA VAL A 176 8.12 8.38 30.62
C VAL A 176 7.52 9.02 31.86
N ARG A 177 6.20 9.18 31.86
CA ARG A 177 5.53 9.70 33.04
C ARG A 177 5.04 8.57 33.95
N GLN A 178 5.45 8.62 35.21
CA GLN A 178 4.98 7.65 36.19
C GLN A 178 3.60 8.00 36.74
N SER A 179 3.03 7.05 37.48
CA SER A 179 1.72 7.23 38.07
C SER A 179 1.74 8.28 39.19
N SER A 180 2.94 8.71 39.57
CA SER A 180 3.07 9.85 40.47
C SER A 180 2.71 11.19 39.81
N GLY A 181 2.64 11.22 38.48
CA GLY A 181 2.58 12.47 37.75
C GLY A 181 3.94 13.02 37.34
N LEU A 182 5.01 12.43 37.87
CA LEU A 182 6.35 12.89 37.57
C LEU A 182 6.96 12.13 36.37
N TYR A 183 7.96 12.73 35.73
CA TYR A 183 8.62 12.15 34.56
C TYR A 183 9.98 11.57 34.95
N SER A 184 10.47 10.58 34.18
CA SER A 184 11.84 10.11 34.33
C SER A 184 12.41 9.83 32.96
N LEU A 185 13.74 9.95 32.82
CA LEU A 185 14.39 9.43 31.64
C LEU A 185 15.78 8.98 32.04
N SER A 186 16.43 8.25 31.16
CA SER A 186 17.84 7.86 31.34
C SER A 186 18.66 8.30 30.15
N SER A 187 19.96 8.48 30.38
CA SER A 187 20.89 8.73 29.31
C SER A 187 22.14 7.87 29.55
N VAL A 188 22.67 7.26 28.51
CA VAL A 188 23.88 6.45 28.65
C VAL A 188 24.87 6.83 27.59
N VAL A 189 26.12 6.55 27.89
CA VAL A 189 27.19 6.84 26.97
C VAL A 189 28.27 5.77 27.12
N SER A 190 28.91 5.40 26.02
CA SER A 190 30.03 4.46 26.04
C SER A 190 31.36 5.17 25.84
N VAL A 191 32.37 4.85 26.65
CA VAL A 191 33.65 5.52 26.57
C VAL A 191 34.76 4.49 26.86
N THR A 192 35.99 4.83 26.51
CA THR A 192 37.10 3.92 26.84
C THR A 192 37.21 3.91 28.35
N SER A 193 37.59 2.78 28.92
CA SER A 193 37.73 2.70 30.37
C SER A 193 38.80 3.67 30.88
N SER A 194 39.74 4.07 30.02
CA SER A 194 40.85 4.93 30.47
C SER A 194 40.48 6.41 30.53
N SER A 195 39.29 6.74 30.07
CA SER A 195 38.97 8.16 29.90
C SER A 195 38.12 8.68 31.06
N GLN A 196 37.40 7.77 31.71
CA GLN A 196 36.69 8.03 32.95
C GLN A 196 37.49 8.87 33.99
N PRO A 197 36.80 9.58 34.89
CA PRO A 197 35.33 9.63 34.96
C PRO A 197 34.69 10.68 34.06
N VAL A 198 33.38 10.54 34.06
CA VAL A 198 32.55 11.04 33.03
C VAL A 198 31.44 11.61 33.87
N THR A 199 30.95 12.78 33.52
CA THR A 199 29.97 13.48 34.36
C THR A 199 28.76 13.82 33.51
N CYS A 200 27.57 13.48 34.01
CA CYS A 200 26.34 13.93 33.36
CA CYS A 200 26.31 13.88 33.41
C CYS A 200 25.87 15.28 33.93
N ASN A 201 25.49 16.19 33.03
CA ASN A 201 25.02 17.51 33.43
C ASN A 201 23.55 17.60 33.09
N VAL A 202 22.72 17.72 34.12
CA VAL A 202 21.27 17.72 33.96
C VAL A 202 20.75 19.10 34.32
N ALA A 203 19.86 19.63 33.49
CA ALA A 203 19.24 20.93 33.78
C ALA A 203 17.74 20.81 33.57
N HIS A 204 17.00 21.49 34.44
CA HIS A 204 15.55 21.48 34.45
C HIS A 204 15.14 22.95 34.56
N PRO A 205 14.96 23.60 33.40
CA PRO A 205 14.69 25.05 33.34
C PRO A 205 13.47 25.46 34.18
N ALA A 206 12.45 24.60 34.27
CA ALA A 206 11.23 24.97 34.99
C ALA A 206 11.44 25.23 36.48
N THR A 207 12.55 24.71 37.03
CA THR A 207 12.90 24.97 38.42
C THR A 207 14.29 25.59 38.54
N ASN A 208 14.90 25.89 37.40
CA ASN A 208 16.28 26.36 37.36
C ASN A 208 17.22 25.45 38.15
N THR A 209 16.99 24.15 38.03
CA THR A 209 17.85 23.13 38.59
C THR A 209 18.97 22.84 37.60
N LYS A 210 20.20 22.77 38.10
CA LYS A 210 21.38 22.29 37.37
C LYS A 210 22.15 21.35 38.31
N VAL A 211 22.30 20.09 37.90
CA VAL A 211 22.91 19.07 38.73
C VAL A 211 23.97 18.39 37.87
N ASP A 212 25.18 18.22 38.41
CA ASP A 212 26.21 17.37 37.79
C ASP A 212 26.37 16.09 38.62
N LYS A 213 26.52 14.93 37.97
CA LYS A 213 26.79 13.69 38.67
C LYS A 213 27.94 13.00 37.98
N THR A 214 29.05 12.81 38.69
CA THR A 214 30.20 12.13 38.15
C THR A 214 29.96 10.66 38.38
N VAL A 215 30.10 9.85 37.33
CA VAL A 215 29.72 8.46 37.39
C VAL A 215 31.00 7.64 37.58
N ALA A 216 31.03 6.80 38.62
CA ALA A 216 32.21 5.99 38.95
C ALA A 216 32.05 4.53 38.52
N ALA B 1 -18.58 17.82 8.77
CA ALA B 1 -17.32 17.76 9.50
C ALA B 1 -16.26 17.04 8.65
N ALA B 2 -15.22 17.77 8.26
CA ALA B 2 -14.25 17.24 7.32
C ALA B 2 -13.31 16.28 8.04
N VAL B 3 -13.24 15.02 7.59
CA VAL B 3 -12.36 14.04 8.23
C VAL B 3 -11.35 13.43 7.26
N LEU B 4 -10.08 13.46 7.67
CA LEU B 4 -9.00 12.87 6.91
C LEU B 4 -8.61 11.54 7.55
N THR B 5 -8.53 10.49 6.71
CA THR B 5 -8.09 9.17 7.15
C THR B 5 -6.84 8.78 6.37
N GLN B 6 -5.77 8.43 7.08
CA GLN B 6 -4.53 7.99 6.46
C GLN B 6 -4.34 6.48 6.57
N THR B 7 -3.43 5.95 5.77
CA THR B 7 -3.01 4.56 5.87
C THR B 7 -2.70 4.18 7.32
N PRO B 8 -3.29 3.08 7.81
CA PRO B 8 -3.00 2.55 9.16
C PRO B 8 -1.51 2.40 9.48
N SER B 9 -1.12 2.81 10.68
CA SER B 9 0.24 2.70 11.17
C SER B 9 0.50 1.30 11.74
N PRO B 10 1.74 0.78 11.62
CA PRO B 10 2.91 1.28 10.91
C PRO B 10 2.98 0.72 9.50
N VAL B 11 3.69 1.41 8.62
CA VAL B 11 3.96 0.93 7.30
C VAL B 11 5.45 0.62 7.28
N SER B 12 5.82 -0.53 6.73
CA SER B 12 7.23 -0.92 6.67
C SER B 12 7.72 -0.69 5.26
N ALA B 13 8.95 -0.24 5.12
CA ALA B 13 9.53 -0.01 3.82
C ALA B 13 10.97 -0.46 3.89
N ALA B 14 11.42 -1.19 2.88
CA ALA B 14 12.79 -1.66 2.86
C ALA B 14 13.69 -0.51 2.42
N VAL B 15 14.90 -0.46 2.96
CA VAL B 15 15.91 0.50 2.53
C VAL B 15 16.10 0.39 1.02
N GLY B 16 16.18 1.52 0.33
CA GLY B 16 16.30 1.52 -1.12
C GLY B 16 15.00 1.25 -1.88
N GLY B 17 13.96 0.87 -1.15
CA GLY B 17 12.68 0.58 -1.78
C GLY B 17 11.77 1.79 -1.96
N THR B 18 10.54 1.49 -2.39
CA THR B 18 9.51 2.53 -2.58
C THR B 18 8.32 2.22 -1.69
N VAL B 19 7.74 3.26 -1.10
CA VAL B 19 6.55 3.08 -0.30
C VAL B 19 5.57 4.22 -0.65
N THR B 20 4.27 3.91 -0.73
CA THR B 20 3.25 4.90 -1.01
C THR B 20 2.22 4.79 0.09
N ILE B 21 1.89 5.92 0.73
CA ILE B 21 0.84 5.96 1.72
C ILE B 21 -0.23 6.91 1.23
N SER B 22 -1.43 6.78 1.76
CA SER B 22 -2.51 7.56 1.21
C SER B 22 -3.30 8.34 2.26
N CYS B 23 -4.09 9.29 1.79
CA CYS B 23 -4.87 10.14 2.68
C CYS B 23 -6.20 10.32 1.98
N GLN B 24 -7.29 10.06 2.69
CA GLN B 24 -8.61 10.20 2.06
C GLN B 24 -9.49 11.17 2.85
N SER B 25 -10.05 12.16 2.16
CA SER B 25 -10.85 13.21 2.81
C SER B 25 -12.36 12.93 2.66
N SER B 26 -13.15 13.18 3.71
CA SER B 26 -14.58 12.88 3.60
C SER B 26 -15.32 13.87 2.68
N GLU B 27 -14.66 14.98 2.37
CA GLU B 27 -15.20 15.94 1.41
C GLU B 27 -14.06 16.56 0.60
N THR B 28 -14.39 17.18 -0.52
CA THR B 28 -13.39 17.74 -1.42
C THR B 28 -12.56 18.79 -0.69
N VAL B 29 -11.25 18.71 -0.84
CA VAL B 29 -10.39 19.75 -0.32
C VAL B 29 -10.52 20.96 -1.22
N TYR B 30 -10.07 22.12 -0.74
CA TYR B 30 -10.22 23.37 -1.46
C TYR B 30 -9.61 23.28 -2.86
N ARG B 31 -10.41 23.63 -3.86
CA ARG B 31 -10.05 23.61 -5.27
C ARG B 31 -9.62 22.23 -5.75
N GLY B 32 -9.93 21.19 -4.98
CA GLY B 32 -9.57 19.83 -5.36
C GLY B 32 -8.12 19.49 -5.10
N ASP B 33 -7.31 20.45 -4.66
CA ASP B 33 -5.88 20.14 -4.52
C ASP B 33 -5.18 20.66 -3.24
N TRP B 34 -5.89 21.36 -2.35
CA TRP B 34 -5.25 21.85 -1.11
C TRP B 34 -5.03 20.67 -0.18
N LEU B 35 -3.87 20.05 -0.36
CA LEU B 35 -3.48 18.94 0.49
C LEU B 35 -1.96 19.01 0.65
N SER B 36 -1.51 19.21 1.89
CA SER B 36 -0.08 19.23 2.18
C SER B 36 0.31 18.00 2.98
N TRP B 37 1.54 17.57 2.76
CA TRP B 37 2.14 16.44 3.47
C TRP B 37 3.30 16.93 4.33
N PHE B 38 3.38 16.41 5.55
CA PHE B 38 4.47 16.77 6.48
C PHE B 38 5.15 15.55 7.05
N GLN B 39 6.48 15.63 7.16
CA GLN B 39 7.29 14.68 7.92
C GLN B 39 7.32 15.18 9.38
N LYS B 40 7.18 14.29 10.36
CA LYS B 40 7.30 14.71 11.77
C LYS B 40 8.13 13.69 12.54
N LYS B 41 9.24 14.15 13.11
CA LYS B 41 10.09 13.33 13.96
C LYS B 41 10.02 13.85 15.39
N PRO B 42 10.14 12.97 16.38
CA PRO B 42 10.11 13.47 17.77
C PRO B 42 11.18 14.55 17.98
N GLY B 43 10.80 15.62 18.67
CA GLY B 43 11.76 16.66 19.04
C GLY B 43 12.02 17.69 17.96
N GLN B 44 11.28 17.61 16.85
CA GLN B 44 11.51 18.46 15.69
C GLN B 44 10.17 18.95 15.17
N PRO B 45 10.15 20.15 14.55
CA PRO B 45 8.86 20.64 14.09
C PRO B 45 8.43 19.88 12.85
N PRO B 46 7.15 20.01 12.48
CA PRO B 46 6.72 19.47 11.18
C PRO B 46 7.52 20.08 10.04
N LYS B 47 7.71 19.30 8.99
CA LYS B 47 8.47 19.71 7.83
C LYS B 47 7.63 19.49 6.59
N LEU B 48 7.30 20.59 5.89
CA LEU B 48 6.55 20.50 4.64
C LEU B 48 7.36 19.75 3.59
N LEU B 49 6.75 18.72 3.03
CA LEU B 49 7.33 17.91 1.95
C LEU B 49 6.65 18.24 0.62
N ILE B 50 5.31 18.31 0.65
CA ILE B 50 4.50 18.51 -0.55
C ILE B 50 3.40 19.52 -0.21
N TYR B 51 3.10 20.45 -1.11
CA TYR B 51 1.90 21.28 -0.91
C TYR B 51 1.06 21.30 -2.20
N ASP B 52 -0.22 21.65 -2.07
CA ASP B 52 -1.13 21.55 -3.22
C ASP B 52 -1.03 20.19 -3.94
N ALA B 53 -1.06 19.11 -3.15
CA ALA B 53 -1.11 17.72 -3.66
C ALA B 53 0.17 17.18 -4.32
N SER B 54 0.84 17.99 -5.13
CA SER B 54 1.92 17.47 -5.96
C SER B 54 3.14 18.39 -6.09
N TYR B 55 3.10 19.58 -5.47
CA TYR B 55 4.26 20.46 -5.53
C TYR B 55 5.29 20.16 -4.45
N LEU B 56 6.53 19.90 -4.88
CA LEU B 56 7.62 19.61 -3.99
C LEU B 56 8.11 20.89 -3.27
N ALA B 57 8.20 20.82 -1.95
CA ALA B 57 8.63 21.96 -1.15
C ALA B 57 10.08 22.29 -1.42
N SER B 58 10.44 23.57 -1.30
CA SER B 58 11.82 24.00 -1.56
C SER B 58 12.80 23.25 -0.70
N GLY B 59 13.87 22.76 -1.31
CA GLY B 59 14.94 22.10 -0.59
C GLY B 59 14.64 20.67 -0.18
N VAL B 60 13.50 20.13 -0.60
CA VAL B 60 13.13 18.78 -0.24
C VAL B 60 13.48 17.83 -1.38
N SER B 61 13.98 16.65 -1.03
CA SER B 61 14.44 15.72 -2.04
C SER B 61 13.30 15.29 -2.93
N SER B 62 13.63 15.14 -4.22
CA SER B 62 12.63 14.71 -5.18
C SER B 62 12.29 13.23 -5.01
N ARG B 63 12.94 12.56 -4.06
CA ARG B 63 12.54 11.19 -3.72
C ARG B 63 11.13 11.18 -3.14
N PHE B 64 10.67 12.35 -2.72
CA PHE B 64 9.29 12.53 -2.27
C PHE B 64 8.41 13.07 -3.41
N SER B 65 7.27 12.44 -3.64
CA SER B 65 6.34 12.93 -4.63
C SER B 65 4.92 12.68 -4.15
N GLY B 66 4.03 13.60 -4.49
CA GLY B 66 2.65 13.49 -4.08
C GLY B 66 1.73 13.53 -5.30
N SER B 67 0.58 12.90 -5.17
CA SER B 67 -0.36 12.91 -6.28
C SER B 67 -1.74 12.79 -5.69
N GLY B 68 -2.75 12.98 -6.55
CA GLY B 68 -4.13 12.84 -6.14
C GLY B 68 -4.89 14.11 -6.42
N SER B 69 -6.21 14.06 -6.24
CA SER B 69 -7.04 15.25 -6.33
C SER B 69 -8.42 14.94 -5.79
N GLY B 70 -9.19 15.99 -5.49
CA GLY B 70 -10.51 15.78 -4.98
C GLY B 70 -10.48 15.34 -3.55
N THR B 71 -10.62 14.05 -3.33
CA THR B 71 -10.69 13.53 -1.97
C THR B 71 -9.69 12.41 -1.68
N HIS B 72 -8.86 12.04 -2.66
CA HIS B 72 -7.89 10.98 -2.41
C HIS B 72 -6.51 11.38 -2.88
N PHE B 73 -5.54 11.19 -1.98
CA PHE B 73 -4.19 11.69 -2.19
C PHE B 73 -3.19 10.65 -1.72
N THR B 74 -2.03 10.64 -2.36
CA THR B 74 -0.95 9.74 -1.94
C THR B 74 0.36 10.49 -1.79
N LEU B 75 1.23 9.99 -0.91
CA LEU B 75 2.63 10.40 -0.84
C LEU B 75 3.49 9.19 -1.16
N THR B 76 4.41 9.34 -2.08
CA THR B 76 5.31 8.23 -2.45
C THR B 76 6.72 8.59 -2.09
N ILE B 77 7.41 7.70 -1.35
CA ILE B 77 8.82 7.88 -1.07
C ILE B 77 9.62 6.82 -1.80
N SER B 78 10.53 7.21 -2.68
CA SER B 78 11.33 6.22 -3.38
C SER B 78 12.75 6.31 -2.83
N GLY B 79 13.54 5.28 -3.08
CA GLY B 79 14.93 5.25 -2.65
C GLY B 79 14.99 5.41 -1.14
N VAL B 80 14.07 4.76 -0.44
CA VAL B 80 13.87 4.95 1.00
C VAL B 80 15.19 4.84 1.80
N GLN B 81 15.39 5.78 2.71
CA GLN B 81 16.59 5.83 3.55
C GLN B 81 16.18 5.67 5.01
N CYS B 82 17.11 5.21 5.86
CA CYS B 82 16.85 5.21 7.31
C CYS B 82 16.37 6.57 7.84
N ASP B 83 16.92 7.64 7.28
CA ASP B 83 16.59 9.03 7.62
C ASP B 83 15.10 9.37 7.38
N ASP B 84 14.41 8.50 6.63
CA ASP B 84 12.99 8.71 6.28
C ASP B 84 12.04 8.18 7.35
N ALA B 85 12.60 7.44 8.32
CA ALA B 85 11.81 6.89 9.39
C ALA B 85 11.21 8.05 10.18
N ALA B 86 9.88 8.12 10.21
CA ALA B 86 9.17 9.27 10.71
C ALA B 86 7.70 8.96 10.66
N THR B 87 6.89 9.87 11.20
CA THR B 87 5.45 9.78 10.99
C THR B 87 5.10 10.86 9.95
N TYR B 88 4.28 10.52 8.95
CA TYR B 88 3.90 11.46 7.91
C TYR B 88 2.45 11.88 8.10
N TYR B 89 2.20 13.19 8.02
CA TYR B 89 0.86 13.76 8.20
C TYR B 89 0.40 14.48 6.94
N CYS B 90 -0.83 14.20 6.55
CA CYS B 90 -1.47 15.01 5.53
C CYS B 90 -2.30 16.10 6.24
N LEU B 91 -2.42 17.26 5.59
CA LEU B 91 -3.20 18.37 6.12
C LEU B 91 -4.14 18.83 4.99
N GLY B 92 -5.45 18.68 5.21
CA GLY B 92 -6.44 19.01 4.20
C GLY B 92 -6.92 20.43 4.46
N GLY B 93 -6.97 21.22 3.39
CA GLY B 93 -7.37 22.62 3.47
C GLY B 93 -8.70 22.75 2.76
N TYR B 94 -9.63 23.47 3.38
CA TYR B 94 -10.99 23.60 2.89
C TYR B 94 -11.40 25.07 2.71
N TYR B 95 -12.55 25.29 2.09
CA TYR B 95 -13.03 26.67 1.82
C TYR B 95 -13.02 27.50 3.09
N ASP B 96 -13.59 26.93 4.14
CA ASP B 96 -13.57 27.57 5.45
C ASP B 96 -12.35 27.04 6.24
N ASP B 97 -11.38 27.92 6.51
CA ASP B 97 -10.18 27.53 7.28
C ASP B 97 -10.54 26.77 8.57
N ALA B 98 -11.67 27.11 9.19
CA ALA B 98 -12.08 26.45 10.44
C ALA B 98 -12.22 24.92 10.30
N ASP B 99 -12.34 24.44 9.07
CA ASP B 99 -12.50 23.01 8.83
C ASP B 99 -11.16 22.31 8.64
N ASP B 100 -10.07 23.07 8.61
CA ASP B 100 -8.75 22.46 8.31
C ASP B 100 -8.36 21.43 9.37
N THR B 101 -7.77 20.34 8.92
CA THR B 101 -7.53 19.21 9.80
C THR B 101 -6.41 18.31 9.28
N PHE B 102 -5.61 17.77 10.21
CA PHE B 102 -4.61 16.78 9.88
C PHE B 102 -5.23 15.38 9.90
N GLY B 103 -4.71 14.49 9.05
CA GLY B 103 -4.94 13.07 9.25
C GLY B 103 -4.30 12.60 10.56
N GLY B 104 -4.55 11.34 10.92
CA GLY B 104 -4.02 10.80 12.16
C GLY B 104 -2.54 10.41 12.13
N GLY B 105 -1.92 10.49 10.95
CA GLY B 105 -0.50 10.15 10.84
C GLY B 105 -0.24 8.70 10.44
N THR B 106 0.78 8.51 9.62
CA THR B 106 1.23 7.16 9.27
C THR B 106 2.70 7.04 9.61
N GLU B 107 3.02 6.17 10.54
CA GLU B 107 4.39 5.97 10.90
C GLU B 107 5.03 5.00 9.89
N VAL B 108 6.14 5.44 9.31
CA VAL B 108 6.89 4.63 8.36
C VAL B 108 8.10 4.05 9.09
N VAL B 109 8.15 2.72 9.17
CA VAL B 109 9.29 2.01 9.76
C VAL B 109 10.22 1.51 8.64
N VAL B 110 11.50 1.87 8.73
CA VAL B 110 12.42 1.55 7.66
C VAL B 110 13.22 0.30 8.05
N LYS B 111 13.18 -0.69 7.16
CA LYS B 111 13.71 -2.01 7.46
C LYS B 111 15.15 -2.09 7.06
N GLY B 112 16.04 -2.03 8.03
CA GLY B 112 17.46 -2.29 7.77
C GLY B 112 17.81 -3.75 8.00
N ASP B 113 19.09 -4.04 8.13
CA ASP B 113 19.56 -5.39 8.41
C ASP B 113 19.23 -5.79 9.84
N PRO B 114 18.83 -7.04 10.08
CA PRO B 114 18.45 -7.35 11.45
C PRO B 114 19.71 -7.49 12.30
N VAL B 115 19.66 -7.02 13.55
CA VAL B 115 20.76 -7.14 14.51
C VAL B 115 20.20 -7.46 15.88
N ALA B 116 20.77 -8.45 16.57
CA ALA B 116 20.41 -8.73 17.95
C ALA B 116 21.01 -7.64 18.84
N PRO B 117 20.29 -7.26 19.91
CA PRO B 117 20.81 -6.24 20.83
C PRO B 117 21.96 -6.73 21.66
N THR B 118 22.80 -5.81 22.12
CA THR B 118 23.66 -6.12 23.25
C THR B 118 22.90 -5.53 24.44
N VAL B 119 22.90 -6.22 25.56
CA VAL B 119 22.04 -5.81 26.65
C VAL B 119 22.90 -5.45 27.86
N LEU B 120 22.56 -4.35 28.52
CA LEU B 120 23.26 -3.90 29.72
C LEU B 120 22.29 -3.79 30.86
N ILE B 121 22.76 -4.03 32.08
CA ILE B 121 21.90 -3.91 33.25
C ILE B 121 22.61 -3.07 34.31
N PHE B 122 21.87 -2.16 34.98
CA PHE B 122 22.49 -1.23 35.91
C PHE B 122 21.77 -1.32 37.26
N PRO B 123 22.46 -1.88 38.27
CA PRO B 123 21.93 -1.90 39.64
C PRO B 123 21.81 -0.46 40.16
N PRO B 124 20.93 -0.23 41.14
CA PRO B 124 20.81 1.08 41.79
C PRO B 124 22.04 1.41 42.62
N ALA B 125 22.58 2.61 42.52
CA ALA B 125 23.67 2.99 43.40
C ALA B 125 23.17 3.22 44.83
N ALA B 126 24.12 3.28 45.76
CA ALA B 126 23.83 3.48 47.18
C ALA B 126 22.87 4.65 47.46
N ASP B 127 23.05 5.75 46.74
CA ASP B 127 22.23 6.93 47.00
C ASP B 127 20.74 6.73 46.66
N GLN B 128 20.43 5.89 45.68
CA GLN B 128 19.01 5.68 45.39
C GLN B 128 18.36 4.82 46.47
N VAL B 129 19.07 3.78 46.91
CA VAL B 129 18.53 2.87 47.92
C VAL B 129 18.09 3.67 49.15
N ALA B 130 18.89 4.67 49.52
CA ALA B 130 18.60 5.52 50.68
C ALA B 130 17.27 6.29 50.57
N THR B 131 16.81 6.55 49.35
CA THR B 131 15.53 7.24 49.16
C THR B 131 14.33 6.34 49.42
N GLY B 132 14.55 5.04 49.54
CA GLY B 132 13.45 4.14 49.81
C GLY B 132 12.78 3.58 48.58
N THR B 133 13.13 4.15 47.43
CA THR B 133 12.67 3.61 46.15
C THR B 133 13.89 3.41 45.23
N VAL B 134 13.92 2.29 44.51
CA VAL B 134 15.04 2.06 43.59
C VAL B 134 14.55 1.79 42.19
N THR B 135 15.45 2.01 41.24
CA THR B 135 15.15 1.73 39.87
C THR B 135 16.28 0.89 39.27
N ILE B 136 15.97 -0.28 38.76
CA ILE B 136 16.97 -1.09 38.07
C ILE B 136 16.79 -0.83 36.59
N VAL B 137 17.88 -0.54 35.88
CA VAL B 137 17.78 -0.14 34.48
C VAL B 137 18.40 -1.18 33.56
N CYS B 138 17.62 -1.67 32.60
CA CYS B 138 18.15 -2.55 31.57
C CYS B 138 18.14 -1.79 30.24
N VAL B 139 19.21 -1.88 29.46
CA VAL B 139 19.25 -1.22 28.18
C VAL B 139 19.54 -2.23 27.06
N ALA B 140 18.75 -2.20 25.98
CA ALA B 140 19.04 -3.01 24.79
C ALA B 140 19.53 -2.05 23.74
N ASN B 141 20.77 -2.25 23.30
CA ASN B 141 21.37 -1.33 22.34
C ASN B 141 21.42 -1.84 20.92
N LYS B 142 21.20 -0.94 19.97
CA LYS B 142 21.56 -1.12 18.56
C LYS B 142 20.94 -2.41 18.01
N TYR B 143 19.61 -2.42 17.90
CA TYR B 143 18.92 -3.63 17.47
C TYR B 143 17.80 -3.37 16.43
N PHE B 144 17.41 -4.43 15.75
CA PHE B 144 16.29 -4.42 14.82
C PHE B 144 16.04 -5.87 14.37
N PRO B 145 14.77 -6.30 14.27
CA PRO B 145 13.52 -5.55 14.51
C PRO B 145 13.18 -5.42 16.01
N ASP B 146 11.96 -4.99 16.32
CA ASP B 146 11.52 -4.79 17.70
C ASP B 146 11.74 -5.98 18.64
N VAL B 147 11.85 -5.66 19.92
CA VAL B 147 12.06 -6.69 20.93
C VAL B 147 10.97 -6.65 21.98
N THR B 148 10.91 -7.69 22.81
CA THR B 148 10.05 -7.65 23.98
C THR B 148 10.94 -7.87 25.20
N VAL B 149 10.61 -7.23 26.32
CA VAL B 149 11.47 -7.33 27.51
C VAL B 149 10.72 -8.00 28.64
N THR B 150 11.39 -8.93 29.30
CA THR B 150 10.86 -9.66 30.45
C THR B 150 11.80 -9.45 31.63
N TRP B 151 11.27 -9.11 32.81
CA TRP B 151 12.09 -9.08 34.01
C TRP B 151 11.83 -10.30 34.89
N GLU B 152 12.92 -10.92 35.37
CA GLU B 152 12.80 -11.99 36.34
C GLU B 152 13.61 -11.68 37.61
N VAL B 153 12.96 -11.82 38.75
CA VAL B 153 13.59 -11.55 40.02
C VAL B 153 13.61 -12.83 40.86
N ASP B 154 14.82 -13.31 41.17
CA ASP B 154 14.98 -14.59 41.87
C ASP B 154 14.13 -15.67 41.20
N GLY B 155 14.14 -15.68 39.86
CA GLY B 155 13.43 -16.68 39.08
C GLY B 155 11.95 -16.43 38.88
N THR B 156 11.43 -15.34 39.43
CA THR B 156 10.01 -15.03 39.31
C THR B 156 9.78 -13.88 38.34
N THR B 157 8.91 -14.10 37.36
CA THR B 157 8.61 -13.08 36.37
C THR B 157 7.96 -11.89 37.04
N GLN B 158 8.43 -10.68 36.75
CA GLN B 158 7.78 -9.44 37.22
C GLN B 158 6.65 -9.02 36.28
N THR B 159 5.56 -8.53 36.85
CA THR B 159 4.42 -8.10 36.08
C THR B 159 4.05 -6.65 36.37
N THR B 160 4.61 -6.08 37.45
CA THR B 160 4.37 -4.69 37.77
C THR B 160 5.67 -3.91 37.96
N GLY B 161 5.58 -2.59 37.81
CA GLY B 161 6.70 -1.71 38.12
C GLY B 161 7.66 -1.50 36.97
N ILE B 162 7.27 -1.97 35.79
CA ILE B 162 8.09 -1.90 34.57
C ILE B 162 7.67 -0.78 33.62
N GLU B 163 8.64 -0.02 33.12
CA GLU B 163 8.34 0.99 32.11
C GLU B 163 9.40 0.85 31.04
N ASN B 164 8.99 0.97 29.78
CA ASN B 164 9.89 0.88 28.66
C ASN B 164 9.89 2.14 27.85
N SER B 165 11.02 2.46 27.26
CA SER B 165 11.10 3.62 26.42
C SER B 165 12.09 3.38 25.28
N LYS B 166 11.63 3.63 24.06
CA LYS B 166 12.39 3.30 22.84
C LYS B 166 12.83 4.56 22.09
N THR B 167 14.11 4.66 21.74
CA THR B 167 14.56 5.74 20.85
C THR B 167 13.98 5.63 19.44
N PRO B 168 13.98 6.73 18.67
CA PRO B 168 13.62 6.62 17.24
C PRO B 168 14.67 5.80 16.50
N GLN B 169 14.39 5.34 15.28
CA GLN B 169 15.39 4.58 14.56
C GLN B 169 16.59 5.45 14.26
N ASN B 170 17.77 4.86 14.34
CA ASN B 170 18.96 5.57 13.96
C ASN B 170 18.93 5.97 12.50
N SER B 171 19.16 7.24 12.23
CA SER B 171 19.06 7.76 10.86
C SER B 171 20.15 7.22 9.93
N ALA B 172 21.10 6.46 10.45
CA ALA B 172 22.13 5.89 9.59
C ALA B 172 22.00 4.38 9.42
N ASP B 173 21.53 3.66 10.44
CA ASP B 173 21.49 2.20 10.33
C ASP B 173 20.14 1.53 10.66
N CYS B 174 19.15 2.36 11.02
CA CYS B 174 17.77 1.94 11.23
C CYS B 174 17.54 1.26 12.57
N THR B 175 18.58 1.17 13.39
CA THR B 175 18.47 0.46 14.66
C THR B 175 17.79 1.28 15.75
N TYR B 176 17.18 0.56 16.69
CA TYR B 176 16.61 1.14 17.88
C TYR B 176 17.55 0.94 19.05
N ASN B 177 17.31 1.71 20.11
CA ASN B 177 17.76 1.40 21.45
C ASN B 177 16.59 1.48 22.40
N LEU B 178 16.65 0.72 23.49
CA LEU B 178 15.54 0.62 24.40
C LEU B 178 15.99 0.64 25.86
N SER B 179 15.20 1.33 26.67
CA SER B 179 15.40 1.39 28.11
C SER B 179 14.25 0.66 28.77
N SER B 180 14.55 -0.22 29.71
CA SER B 180 13.49 -0.87 30.46
C SER B 180 13.85 -0.73 31.91
N THR B 181 12.92 -0.19 32.69
CA THR B 181 13.23 0.04 34.08
C THR B 181 12.28 -0.74 34.97
N LEU B 182 12.82 -1.30 36.04
CA LEU B 182 12.00 -1.92 37.06
C LEU B 182 12.17 -1.12 38.34
N THR B 183 11.03 -0.74 38.91
CA THR B 183 11.02 0.09 40.11
C THR B 183 10.48 -0.74 41.27
N LEU B 184 11.17 -0.66 42.39
CA LEU B 184 10.79 -1.42 43.57
C LEU B 184 11.10 -0.54 44.77
N THR B 185 10.52 -0.90 45.91
CA THR B 185 10.90 -0.22 47.15
C THR B 185 12.27 -0.75 47.57
N SER B 186 13.01 0.02 48.37
CA SER B 186 14.32 -0.42 48.81
C SER B 186 14.29 -1.74 49.58
N THR B 187 13.27 -1.94 50.42
CA THR B 187 13.18 -3.21 51.14
C THR B 187 12.83 -4.42 50.21
N GLN B 188 11.93 -4.20 49.24
CA GLN B 188 11.68 -5.23 48.21
C GLN B 188 12.97 -5.57 47.49
N TYR B 189 13.68 -4.54 47.04
CA TYR B 189 14.95 -4.72 46.36
C TYR B 189 15.94 -5.53 47.21
N ASN B 190 16.03 -5.18 48.50
CA ASN B 190 16.93 -5.87 49.42
C ASN B 190 16.47 -7.29 49.79
N SER B 191 15.26 -7.68 49.38
CA SER B 191 14.77 -9.02 49.64
C SER B 191 15.09 -10.04 48.52
N HIS B 192 15.77 -9.57 47.47
CA HIS B 192 16.08 -10.45 46.35
C HIS B 192 17.53 -10.43 46.00
N LYS B 193 18.00 -11.51 45.39
CA LYS B 193 19.39 -11.67 45.04
C LYS B 193 19.62 -11.50 43.54
N GLU B 194 18.90 -12.30 42.75
CA GLU B 194 19.13 -12.32 41.30
C GLU B 194 18.13 -11.47 40.49
N TYR B 195 18.66 -10.47 39.79
CA TYR B 195 17.88 -9.63 38.88
C TYR B 195 18.26 -9.90 37.46
N THR B 196 17.27 -10.27 36.65
CA THR B 196 17.52 -10.64 35.28
C THR B 196 16.67 -9.86 34.31
N CYS B 197 17.27 -9.33 33.26
CA CYS B 197 16.54 -8.70 32.17
CA CYS B 197 16.46 -8.77 32.20
C CYS B 197 16.69 -9.55 30.90
N LYS B 198 15.57 -9.92 30.28
CA LYS B 198 15.58 -10.79 29.11
C LYS B 198 14.97 -10.06 27.91
N VAL B 199 15.76 -9.92 26.86
CA VAL B 199 15.35 -9.19 25.67
C VAL B 199 15.20 -10.19 24.50
N THR B 200 13.97 -10.29 23.99
CA THR B 200 13.62 -11.32 23.03
C THR B 200 13.27 -10.72 21.69
N GLN B 201 13.88 -11.29 20.65
CA GLN B 201 13.72 -10.87 19.27
C GLN B 201 13.36 -12.08 18.41
N GLY B 202 12.08 -12.43 18.39
CA GLY B 202 11.63 -13.63 17.76
C GLY B 202 12.13 -14.88 18.45
N THR B 203 12.98 -15.63 17.76
CA THR B 203 13.52 -16.86 18.31
C THR B 203 14.83 -16.61 19.05
N THR B 204 15.28 -15.36 19.03
CA THR B 204 16.49 -14.96 19.71
C THR B 204 16.19 -14.24 21.03
N SER B 205 16.90 -14.63 22.08
CA SER B 205 16.89 -13.89 23.35
C SER B 205 18.29 -13.52 23.79
N VAL B 206 18.43 -12.32 24.35
CA VAL B 206 19.67 -11.89 24.98
C VAL B 206 19.36 -11.54 26.43
N VAL B 207 20.11 -12.14 27.35
CA VAL B 207 19.76 -12.11 28.74
C VAL B 207 20.91 -11.54 29.54
N GLN B 208 20.60 -10.64 30.48
CA GLN B 208 21.65 -10.05 31.28
C GLN B 208 21.19 -10.05 32.73
N SER B 209 22.11 -10.33 33.64
CA SER B 209 21.80 -10.48 35.06
C SER B 209 22.82 -9.80 35.94
N PHE B 210 22.43 -9.50 37.17
CA PHE B 210 23.38 -9.26 38.25
C PHE B 210 22.85 -9.90 39.53
N ASN B 211 23.74 -10.12 40.49
CA ASN B 211 23.35 -10.58 41.81
C ASN B 211 23.67 -9.50 42.81
N ARG B 212 22.64 -8.95 43.46
CA ARG B 212 22.81 -7.93 44.49
C ARG B 212 23.70 -8.47 45.59
N GLY B 213 24.75 -7.74 45.94
CA GLY B 213 25.73 -8.24 46.87
C GLY B 213 26.99 -8.71 46.17
N ASP B 214 27.10 -8.38 44.89
CA ASP B 214 28.35 -8.55 44.15
C ASP B 214 28.79 -7.19 43.64
N CYS B 215 28.06 -6.16 44.06
CA CYS B 215 28.36 -4.78 43.68
C CYS B 215 27.73 -3.79 44.65
N PCA C 1 11.20 -8.17 -39.11
CA PCA C 1 10.57 -8.02 -37.80
CB PCA C 1 9.10 -7.69 -37.95
CG PCA C 1 8.72 -8.09 -39.38
CD PCA C 1 10.06 -8.24 -40.04
OE PCA C 1 10.18 -8.37 -41.27
C PCA C 1 10.69 -9.30 -36.98
O PCA C 1 10.66 -10.42 -37.54
N GLU C 2 10.81 -9.16 -35.68
CA GLU C 2 10.86 -10.33 -34.81
C GLU C 2 9.46 -10.72 -34.36
N GLN C 3 9.17 -12.01 -34.38
CA GLN C 3 7.83 -12.46 -34.05
C GLN C 3 7.77 -13.93 -33.64
N LEU C 4 6.83 -14.25 -32.77
CA LEU C 4 6.62 -15.61 -32.31
C LEU C 4 5.17 -15.92 -32.64
N LYS C 5 4.88 -17.15 -33.04
CA LYS C 5 3.49 -17.54 -33.26
C LYS C 5 3.25 -18.99 -32.86
N GLU C 6 2.38 -19.16 -31.87
CA GLU C 6 2.05 -20.49 -31.38
C GLU C 6 0.92 -21.05 -32.25
N SER C 7 0.90 -22.37 -32.42
CA SER C 7 -0.15 -23.07 -33.17
C SER C 7 -0.32 -24.42 -32.50
N GLY C 8 -1.38 -25.16 -32.86
CA GLY C 8 -1.58 -26.51 -32.38
C GLY C 8 -2.64 -26.68 -31.31
N GLY C 9 -2.99 -25.59 -30.65
CA GLY C 9 -4.05 -25.63 -29.65
C GLY C 9 -5.34 -26.15 -30.28
N ARG C 10 -5.93 -27.16 -29.66
CA ARG C 10 -7.20 -27.68 -30.17
C ARG C 10 -7.90 -28.41 -29.04
N LEU C 11 -9.09 -28.92 -29.33
CA LEU C 11 -9.83 -29.76 -28.42
C LEU C 11 -9.25 -31.17 -28.46
N VAL C 12 -9.05 -31.76 -27.29
CA VAL C 12 -8.40 -33.05 -27.20
C VAL C 12 -8.98 -33.79 -25.98
N ALA C 13 -9.22 -35.09 -26.14
CA ALA C 13 -9.74 -35.89 -25.03
C ALA C 13 -8.64 -36.08 -24.03
N PRO C 14 -9.00 -36.21 -22.75
CA PRO C 14 -7.99 -36.43 -21.71
C PRO C 14 -7.17 -37.70 -22.02
N GLY C 15 -5.87 -37.70 -21.72
CA GLY C 15 -5.01 -38.83 -22.01
C GLY C 15 -4.43 -38.81 -23.41
N THR C 16 -4.97 -38.00 -24.31
CA THR C 16 -4.49 -37.96 -25.68
C THR C 16 -3.36 -36.92 -25.81
N PRO C 17 -2.12 -37.35 -26.09
CA PRO C 17 -1.03 -36.35 -26.13
C PRO C 17 -1.25 -35.26 -27.21
N LEU C 18 -0.73 -34.07 -26.94
CA LEU C 18 -0.92 -32.95 -27.82
C LEU C 18 0.40 -32.20 -27.94
N THR C 19 0.78 -31.80 -29.15
CA THR C 19 1.97 -30.99 -29.33
C THR C 19 1.68 -29.59 -29.86
N LEU C 20 2.14 -28.59 -29.11
CA LEU C 20 2.06 -27.18 -29.49
C LEU C 20 3.38 -26.75 -30.12
N THR C 21 3.30 -25.82 -31.06
CA THR C 21 4.48 -25.34 -31.78
C THR C 21 4.53 -23.84 -31.71
N CYS C 22 5.72 -23.32 -31.44
CA CYS C 22 5.95 -21.89 -31.54
C CYS C 22 6.91 -21.62 -32.68
N THR C 23 6.42 -20.93 -33.72
CA THR C 23 7.26 -20.66 -34.87
C THR C 23 7.86 -19.27 -34.76
N VAL C 24 9.16 -19.19 -34.98
CA VAL C 24 9.95 -18.00 -34.75
C VAL C 24 10.20 -17.31 -36.08
N SER C 25 10.16 -15.98 -36.12
CA SER C 25 10.59 -15.24 -37.31
C SER C 25 11.48 -14.09 -36.90
N GLY C 26 12.48 -13.80 -37.74
CA GLY C 26 13.26 -12.57 -37.62
C GLY C 26 14.40 -12.62 -36.62
N PHE C 27 14.60 -13.80 -36.03
CA PHE C 27 15.79 -14.03 -35.20
C PHE C 27 16.08 -15.54 -35.21
N ASP C 28 17.25 -15.93 -34.69
CA ASP C 28 17.67 -17.34 -34.59
C ASP C 28 17.47 -17.84 -33.15
N ILE C 29 16.67 -18.90 -32.99
CA ILE C 29 16.50 -19.53 -31.68
C ILE C 29 17.83 -19.80 -30.96
N SER C 30 18.84 -20.21 -31.73
CA SER C 30 20.16 -20.52 -31.20
C SER C 30 20.81 -19.41 -30.39
N ASP C 31 20.44 -18.16 -30.66
CA ASP C 31 20.98 -17.01 -29.94
C ASP C 31 20.20 -16.64 -28.66
N TYR C 32 19.12 -17.35 -28.35
CA TYR C 32 18.29 -16.97 -27.21
C TYR C 32 17.87 -18.18 -26.39
N ALA C 33 16.96 -17.96 -25.45
CA ALA C 33 16.26 -19.07 -24.80
C ALA C 33 14.77 -18.94 -25.09
N MET C 34 14.05 -20.07 -25.11
CA MET C 34 12.60 -20.01 -25.32
C MET C 34 11.87 -20.61 -24.13
N ILE C 35 10.81 -19.93 -23.69
CA ILE C 35 10.11 -20.25 -22.47
C ILE C 35 8.64 -20.50 -22.77
N TRP C 36 8.06 -21.51 -22.15
CA TRP C 36 6.62 -21.74 -22.26
C TRP C 36 5.88 -21.34 -20.98
N VAL C 37 4.72 -20.70 -21.12
CA VAL C 37 3.92 -20.18 -20.01
C VAL C 37 2.46 -20.46 -20.40
N ARG C 38 1.58 -20.65 -19.43
CA ARG C 38 0.16 -20.79 -19.76
C ARG C 38 -0.69 -20.01 -18.77
N GLN C 39 -1.97 -19.89 -19.12
CA GLN C 39 -2.96 -19.34 -18.21
C GLN C 39 -4.28 -20.06 -18.43
N ALA C 40 -4.70 -20.82 -17.43
CA ALA C 40 -5.99 -21.49 -17.48
C ALA C 40 -7.05 -20.44 -17.24
N PRO C 41 -8.25 -20.65 -17.78
CA PRO C 41 -9.30 -19.63 -17.56
C PRO C 41 -9.62 -19.47 -16.07
N GLY C 42 -9.73 -18.22 -15.62
CA GLY C 42 -9.89 -17.91 -14.20
C GLY C 42 -8.67 -18.15 -13.32
N LYS C 43 -7.49 -18.24 -13.93
CA LYS C 43 -6.28 -18.43 -13.15
C LYS C 43 -5.19 -17.49 -13.61
N GLY C 44 -4.04 -17.56 -12.95
CA GLY C 44 -3.00 -16.59 -13.21
C GLY C 44 -2.01 -17.17 -14.18
N LEU C 45 -0.97 -16.41 -14.49
CA LEU C 45 0.08 -16.95 -15.34
C LEU C 45 0.85 -18.07 -14.63
N GLU C 46 1.28 -19.05 -15.41
CA GLU C 46 2.02 -20.19 -14.86
C GLU C 46 3.22 -20.56 -15.74
N TRP C 47 4.41 -20.55 -15.13
CA TRP C 47 5.66 -20.84 -15.82
C TRP C 47 5.82 -22.36 -16.03
N ILE C 48 6.17 -22.77 -17.25
CA ILE C 48 6.17 -24.21 -17.56
C ILE C 48 7.55 -24.77 -17.81
N GLY C 49 8.30 -24.11 -18.68
CA GLY C 49 9.62 -24.63 -18.98
C GLY C 49 10.41 -23.72 -19.91
N ILE C 50 11.66 -24.10 -20.13
CA ILE C 50 12.59 -23.30 -20.89
C ILE C 50 13.56 -24.20 -21.66
N ILE C 51 13.87 -23.81 -22.89
CA ILE C 51 14.95 -24.46 -23.63
C ILE C 51 15.97 -23.40 -24.04
N TYR C 52 17.26 -23.69 -23.86
CA TYR C 52 18.30 -22.75 -24.25
C TYR C 52 18.77 -23.05 -25.67
N GLY C 53 18.81 -22.02 -26.53
CA GLY C 53 19.24 -22.23 -27.91
C GLY C 53 20.72 -22.56 -28.13
N GLY C 54 21.58 -22.21 -27.19
CA GLY C 54 23.00 -22.37 -27.47
C GLY C 54 23.66 -23.54 -26.79
N SER C 55 22.88 -24.36 -26.08
CA SER C 55 23.42 -25.40 -25.22
C SER C 55 22.47 -26.59 -25.06
N ASN C 56 22.80 -27.51 -24.16
CA ASN C 56 21.92 -28.63 -23.87
C ASN C 56 20.99 -28.34 -22.70
N LYS C 57 21.03 -27.10 -22.21
CA LYS C 57 20.24 -26.74 -21.05
C LYS C 57 18.75 -26.68 -21.36
N LEU C 58 17.96 -27.28 -20.48
CA LEU C 58 16.53 -27.26 -20.65
C LEU C 58 15.99 -27.55 -19.26
N ALA C 59 14.89 -26.93 -18.86
CA ALA C 59 14.30 -27.26 -17.57
C ALA C 59 12.77 -27.17 -17.60
N TYR C 60 12.12 -27.96 -16.74
CA TYR C 60 10.67 -27.89 -16.57
C TYR C 60 10.33 -27.37 -15.17
N ALA C 61 9.17 -26.72 -15.00
CA ALA C 61 8.66 -26.38 -13.67
C ALA C 61 8.79 -27.58 -12.73
N LYS C 62 9.24 -27.30 -11.51
CA LYS C 62 9.54 -28.34 -10.52
C LYS C 62 8.34 -29.27 -10.38
N TRP C 63 7.13 -28.72 -10.44
CA TRP C 63 5.92 -29.48 -10.20
C TRP C 63 5.46 -30.32 -11.39
N ALA C 64 6.07 -30.11 -12.56
CA ALA C 64 5.56 -30.71 -13.80
C ALA C 64 5.61 -32.24 -13.79
N LYS C 65 6.71 -32.79 -13.28
CA LYS C 65 6.90 -34.23 -13.16
C LYS C 65 6.52 -35.01 -14.42
N GLY C 66 7.14 -34.64 -15.54
CA GLY C 66 7.00 -35.39 -16.79
C GLY C 66 5.69 -35.12 -17.53
N ARG C 67 4.93 -34.12 -17.10
CA ARG C 67 3.69 -33.74 -17.80
C ARG C 67 3.95 -33.09 -19.15
N PHE C 68 5.17 -32.55 -19.33
CA PHE C 68 5.54 -31.82 -20.54
C PHE C 68 6.86 -32.26 -21.14
N THR C 69 6.95 -32.19 -22.46
CA THR C 69 8.23 -32.34 -23.15
C THR C 69 8.47 -31.13 -24.06
N ILE C 70 9.66 -30.54 -23.97
CA ILE C 70 10.03 -29.41 -24.82
C ILE C 70 11.18 -29.83 -25.72
N SER C 71 11.14 -29.41 -26.99
CA SER C 71 12.23 -29.67 -27.93
C SER C 71 12.24 -28.55 -28.97
N ARG C 72 13.21 -28.54 -29.86
CA ARG C 72 13.22 -27.51 -30.91
C ARG C 72 13.53 -28.10 -32.28
N THR C 73 13.28 -27.31 -33.31
CA THR C 73 13.78 -27.58 -34.66
C THR C 73 14.59 -26.34 -34.97
N SER C 74 14.93 -26.11 -36.23
CA SER C 74 15.79 -24.96 -36.47
C SER C 74 15.02 -23.63 -36.39
N THR C 75 13.70 -23.69 -36.50
CA THR C 75 12.91 -22.44 -36.48
C THR C 75 11.68 -22.56 -35.58
N THR C 76 11.55 -23.69 -34.91
CA THR C 76 10.45 -23.85 -33.96
C THR C 76 10.92 -24.31 -32.59
N VAL C 77 10.09 -24.06 -31.60
CA VAL C 77 10.16 -24.81 -30.36
C VAL C 77 8.80 -25.41 -30.12
N ASP C 78 8.78 -26.56 -29.48
CA ASP C 78 7.56 -27.29 -29.29
C ASP C 78 7.37 -27.64 -27.83
N LEU C 79 6.10 -27.78 -27.45
CA LEU C 79 5.69 -28.21 -26.12
C LEU C 79 4.70 -29.34 -26.33
N LYS C 80 5.08 -30.51 -25.82
CA LYS C 80 4.21 -31.65 -25.84
C LYS C 80 3.63 -31.89 -24.48
N ILE C 81 2.30 -32.00 -24.42
CA ILE C 81 1.61 -32.30 -23.17
C ILE C 81 1.34 -33.79 -23.17
N THR C 82 2.06 -34.52 -22.33
CA THR C 82 2.16 -35.96 -22.50
C THR C 82 0.87 -36.69 -22.17
N SER C 83 0.17 -36.29 -21.11
CA SER C 83 -1.10 -36.93 -20.80
C SER C 83 -2.12 -35.91 -20.27
N PRO C 84 -2.74 -35.16 -21.18
CA PRO C 84 -3.51 -33.98 -20.78
C PRO C 84 -4.69 -34.31 -19.89
N THR C 85 -4.93 -33.42 -18.94
CA THR C 85 -6.08 -33.49 -18.06
C THR C 85 -6.87 -32.19 -18.23
N THR C 86 -8.04 -32.13 -17.63
CA THR C 86 -8.85 -30.90 -17.67
C THR C 86 -8.11 -29.69 -17.11
N GLU C 87 -7.16 -29.94 -16.22
CA GLU C 87 -6.34 -28.87 -15.66
C GLU C 87 -5.38 -28.26 -16.68
N ASP C 88 -5.24 -28.88 -17.84
CA ASP C 88 -4.33 -28.35 -18.86
C ASP C 88 -5.03 -27.46 -19.89
N THR C 89 -6.35 -27.34 -19.76
CA THR C 89 -7.09 -26.39 -20.54
C THR C 89 -6.60 -24.98 -20.23
N ALA C 90 -6.15 -24.26 -21.25
CA ALA C 90 -5.45 -22.99 -21.05
C ALA C 90 -4.96 -22.45 -22.37
N THR C 91 -4.67 -21.16 -22.40
CA THR C 91 -3.95 -20.59 -23.50
C THR C 91 -2.45 -20.73 -23.14
N TYR C 92 -1.66 -21.20 -24.08
CA TYR C 92 -0.24 -21.46 -23.89
C TYR C 92 0.47 -20.44 -24.72
N PHE C 93 1.47 -19.80 -24.11
CA PHE C 93 2.21 -18.73 -24.73
C PHE C 93 3.66 -19.13 -24.84
N CYS C 94 4.32 -18.70 -25.90
CA CYS C 94 5.76 -18.86 -25.95
CA CYS C 94 5.77 -18.86 -25.94
C CYS C 94 6.43 -17.48 -25.91
N ALA C 95 7.59 -17.41 -25.24
CA ALA C 95 8.31 -16.14 -25.06
C ALA C 95 9.79 -16.34 -25.32
N ARG C 96 10.44 -15.29 -25.82
CA ARG C 96 11.86 -15.30 -26.02
C ARG C 96 12.54 -14.56 -24.89
N GLY C 97 13.61 -15.14 -24.37
CA GLY C 97 14.43 -14.51 -23.33
C GLY C 97 15.88 -14.36 -23.76
N TYR C 98 16.61 -13.42 -23.17
CA TYR C 98 18.02 -13.26 -23.46
C TYR C 98 18.83 -14.28 -22.66
N GLY C 99 19.97 -14.73 -23.21
CA GLY C 99 20.82 -15.71 -22.55
C GLY C 99 20.66 -17.07 -23.20
N SER C 100 21.58 -17.44 -24.08
CA SER C 100 21.40 -18.68 -24.84
C SER C 100 22.09 -19.92 -24.26
N MET C 101 22.89 -19.77 -23.20
CA MET C 101 23.65 -20.95 -22.72
C MET C 101 23.26 -21.52 -21.35
N ASP C 102 23.27 -20.68 -20.31
CA ASP C 102 22.81 -21.12 -18.98
C ASP C 102 22.60 -19.91 -18.05
N GLY C 103 21.33 -19.51 -17.90
CA GLY C 103 21.00 -18.22 -17.32
C GLY C 103 20.23 -17.40 -18.34
N TYR C 104 18.97 -17.09 -18.02
CA TYR C 104 18.18 -16.28 -18.92
C TYR C 104 17.58 -15.08 -18.19
N ASP C 105 16.95 -14.19 -18.96
CA ASP C 105 16.35 -12.97 -18.41
C ASP C 105 15.54 -12.25 -19.49
N ARG C 106 14.72 -11.29 -19.06
CA ARG C 106 14.15 -10.27 -19.95
C ARG C 106 13.24 -10.86 -21.05
N LEU C 107 12.10 -11.38 -20.64
CA LEU C 107 11.15 -11.98 -21.55
C LEU C 107 10.38 -10.86 -22.24
N ASN C 108 10.93 -10.29 -23.30
CA ASN C 108 10.35 -9.09 -23.90
C ASN C 108 9.72 -9.33 -25.26
N LEU C 109 9.55 -10.59 -25.65
CA LEU C 109 8.86 -10.88 -26.93
C LEU C 109 7.98 -12.10 -26.70
N TRP C 110 6.68 -11.97 -27.02
CA TRP C 110 5.69 -13.01 -26.76
C TRP C 110 4.85 -13.28 -28.01
N GLY C 111 4.39 -14.52 -28.18
CA GLY C 111 3.41 -14.83 -29.20
C GLY C 111 2.02 -14.46 -28.71
N GLN C 112 1.01 -14.67 -29.56
CA GLN C 112 -0.37 -14.33 -29.18
C GLN C 112 -1.03 -15.42 -28.38
N GLY C 113 -0.41 -16.60 -28.34
CA GLY C 113 -0.99 -17.69 -27.60
C GLY C 113 -1.72 -18.68 -28.50
N THR C 114 -1.91 -19.91 -28.02
CA THR C 114 -2.76 -20.89 -28.68
C THR C 114 -3.62 -21.57 -27.61
N LEU C 115 -4.89 -21.75 -27.91
CA LEU C 115 -5.84 -22.24 -26.92
C LEU C 115 -6.02 -23.75 -26.97
N VAL C 116 -5.76 -24.40 -25.84
CA VAL C 116 -5.89 -25.86 -25.70
C VAL C 116 -7.14 -26.14 -24.87
N THR C 117 -7.93 -27.12 -25.30
CA THR C 117 -9.10 -27.48 -24.54
C THR C 117 -9.09 -28.98 -24.31
N VAL C 118 -9.09 -29.39 -23.05
CA VAL C 118 -9.16 -30.81 -22.76
C VAL C 118 -10.55 -31.19 -22.25
N SER C 119 -11.26 -32.02 -23.00
CA SER C 119 -12.61 -32.42 -22.63
C SER C 119 -12.94 -33.69 -23.39
N SER C 120 -13.84 -34.50 -22.86
CA SER C 120 -14.28 -35.68 -23.62
C SER C 120 -15.38 -35.34 -24.63
N GLY C 121 -15.87 -34.11 -24.59
CA GLY C 121 -16.94 -33.70 -25.48
C GLY C 121 -16.51 -33.72 -26.94
N GLN C 122 -17.48 -33.82 -27.83
CA GLN C 122 -17.24 -33.71 -29.27
C GLN C 122 -17.26 -32.22 -29.63
N PRO C 123 -16.49 -31.82 -30.66
CA PRO C 123 -16.50 -30.44 -31.20
C PRO C 123 -17.94 -30.11 -31.61
N LYS C 124 -18.37 -28.87 -31.44
CA LYS C 124 -19.74 -28.51 -31.77
C LYS C 124 -19.81 -27.07 -32.28
N GLY C 125 -20.48 -26.89 -33.41
CA GLY C 125 -20.63 -25.58 -34.01
C GLY C 125 -21.62 -24.75 -33.21
N PRO C 126 -21.55 -23.40 -33.33
CA PRO C 126 -22.48 -22.54 -32.60
C PRO C 126 -23.84 -22.46 -33.27
N SER C 127 -24.86 -22.27 -32.44
CA SER C 127 -26.16 -21.82 -32.89
C SER C 127 -26.12 -20.30 -32.82
N VAL C 128 -26.68 -19.62 -33.82
CA VAL C 128 -26.66 -18.16 -33.81
C VAL C 128 -28.06 -17.60 -33.80
N PHE C 129 -28.34 -16.70 -32.86
CA PHE C 129 -29.67 -16.09 -32.75
C PHE C 129 -29.62 -14.58 -32.74
N PRO C 130 -30.52 -13.94 -33.51
CA PRO C 130 -30.61 -12.48 -33.53
C PRO C 130 -31.15 -11.94 -32.21
N LEU C 131 -30.67 -10.76 -31.82
CA LEU C 131 -31.12 -10.09 -30.61
C LEU C 131 -31.69 -8.75 -31.05
N ALA C 132 -32.97 -8.51 -30.74
CA ALA C 132 -33.62 -7.28 -31.15
C ALA C 132 -34.55 -6.81 -30.03
N PRO C 133 -34.65 -5.49 -29.82
CA PRO C 133 -35.48 -4.85 -28.79
C PRO C 133 -36.96 -5.23 -28.93
N CYS C 134 -37.70 -5.26 -27.81
CA CYS C 134 -39.08 -5.72 -27.85
C CYS C 134 -39.99 -4.79 -28.65
N THR C 138 -42.19 5.05 -28.49
CA THR C 138 -41.34 6.18 -28.87
C THR C 138 -40.24 5.75 -29.84
N PRO C 139 -40.28 6.28 -31.08
CA PRO C 139 -39.33 5.92 -32.14
C PRO C 139 -37.96 6.56 -31.94
N SER C 140 -36.90 5.77 -32.08
CA SER C 140 -35.57 6.32 -31.87
C SER C 140 -34.74 6.31 -33.14
N SER C 141 -33.81 7.27 -33.21
CA SER C 141 -32.95 7.41 -34.37
C SER C 141 -31.77 6.44 -34.30
N THR C 142 -31.57 5.84 -33.14
CA THR C 142 -30.51 4.83 -33.00
C THR C 142 -31.09 3.54 -32.44
N VAL C 143 -30.37 2.44 -32.64
CA VAL C 143 -30.88 1.16 -32.20
C VAL C 143 -29.69 0.25 -31.90
N THR C 144 -29.84 -0.62 -30.92
CA THR C 144 -28.79 -1.60 -30.59
C THR C 144 -29.31 -2.99 -30.94
N LEU C 145 -28.54 -3.69 -31.77
CA LEU C 145 -28.92 -5.01 -32.22
C LEU C 145 -27.79 -5.95 -31.78
N GLY C 146 -28.05 -7.25 -31.80
CA GLY C 146 -27.06 -8.20 -31.34
C GLY C 146 -27.18 -9.56 -31.98
N CYS C 147 -26.18 -10.41 -31.73
CA CYS C 147 -26.23 -11.83 -32.01
C CYS C 147 -25.85 -12.61 -30.78
N LEU C 148 -26.64 -13.60 -30.44
CA LEU C 148 -26.28 -14.52 -29.36
C LEU C 148 -25.68 -15.77 -30.00
N VAL C 149 -24.46 -16.09 -29.59
CA VAL C 149 -23.72 -17.21 -30.13
C VAL C 149 -23.62 -18.28 -29.06
N LYS C 150 -24.29 -19.41 -29.29
CA LYS C 150 -24.58 -20.35 -28.22
C LYS C 150 -24.20 -21.80 -28.57
N GLY C 151 -23.81 -22.56 -27.54
CA GLY C 151 -23.61 -24.00 -27.62
C GLY C 151 -22.42 -24.51 -28.40
N TYR C 152 -21.27 -23.83 -28.33
CA TYR C 152 -20.14 -24.32 -29.13
C TYR C 152 -18.99 -24.88 -28.28
N LEU C 153 -18.11 -25.63 -28.93
CA LEU C 153 -16.97 -26.27 -28.27
C LEU C 153 -15.97 -26.71 -29.33
N PRO C 154 -14.69 -26.36 -29.15
CA PRO C 154 -14.06 -25.57 -28.10
C PRO C 154 -14.15 -24.06 -28.43
N GLU C 155 -13.70 -23.18 -27.54
CA GLU C 155 -13.43 -21.78 -27.92
C GLU C 155 -12.33 -21.81 -28.98
N PRO C 156 -12.21 -20.74 -29.77
CA PRO C 156 -12.98 -19.50 -29.77
C PRO C 156 -13.94 -19.44 -30.95
N VAL C 157 -14.82 -18.44 -30.93
CA VAL C 157 -15.59 -18.07 -32.11
C VAL C 157 -15.14 -16.65 -32.39
N THR C 158 -15.33 -16.18 -33.62
CA THR C 158 -15.14 -14.77 -33.89
C THR C 158 -16.45 -14.22 -34.39
N VAL C 159 -16.72 -12.96 -34.02
CA VAL C 159 -17.91 -12.29 -34.48
C VAL C 159 -17.49 -10.96 -35.09
N THR C 160 -17.95 -10.71 -36.31
CA THR C 160 -17.76 -9.39 -36.92
C THR C 160 -19.13 -8.90 -37.40
N TRP C 161 -19.21 -7.64 -37.75
CA TRP C 161 -20.48 -7.11 -38.21
C TRP C 161 -20.30 -6.55 -39.60
N ASN C 162 -21.28 -6.79 -40.47
CA ASN C 162 -21.21 -6.41 -41.88
C ASN C 162 -19.86 -6.72 -42.52
N SER C 163 -19.46 -8.00 -42.40
CA SER C 163 -18.20 -8.54 -42.92
C SER C 163 -16.99 -7.70 -42.54
N GLY C 164 -17.01 -7.16 -41.32
CA GLY C 164 -15.88 -6.42 -40.82
C GLY C 164 -15.89 -4.94 -41.14
N THR C 165 -16.93 -4.44 -41.80
CA THR C 165 -17.01 -3.00 -42.09
C THR C 165 -17.60 -2.20 -40.92
N LEU C 166 -18.35 -2.89 -40.07
CA LEU C 166 -18.98 -2.23 -38.96
C LEU C 166 -18.21 -2.57 -37.68
N THR C 167 -17.47 -1.61 -37.17
CA THR C 167 -16.60 -1.83 -36.02
C THR C 167 -16.91 -0.85 -34.88
N ASN C 168 -17.19 0.39 -35.23
CA ASN C 168 -17.46 1.39 -34.20
C ASN C 168 -18.67 1.00 -33.34
N GLY C 169 -18.49 1.08 -32.02
CA GLY C 169 -19.55 0.74 -31.08
C GLY C 169 -20.03 -0.71 -31.11
N VAL C 170 -19.09 -1.64 -31.27
CA VAL C 170 -19.41 -3.06 -31.14
C VAL C 170 -18.95 -3.48 -29.75
N ARG C 171 -19.81 -4.16 -28.99
CA ARG C 171 -19.36 -4.79 -27.74
C ARG C 171 -19.50 -6.30 -27.84
N THR C 172 -18.39 -7.03 -27.76
CA THR C 172 -18.52 -8.47 -27.75
C THR C 172 -18.08 -8.94 -26.38
N PHE C 173 -18.97 -9.60 -25.67
CA PHE C 173 -18.67 -9.98 -24.29
C PHE C 173 -17.79 -11.22 -24.20
N PRO C 174 -17.10 -11.41 -23.06
CA PRO C 174 -16.34 -12.66 -22.93
C PRO C 174 -17.28 -13.84 -22.88
N SER C 175 -16.82 -14.96 -23.40
CA SER C 175 -17.63 -16.15 -23.40
C SER C 175 -17.82 -16.63 -21.97
N VAL C 176 -18.88 -17.39 -21.76
CA VAL C 176 -19.10 -18.05 -20.50
C VAL C 176 -19.26 -19.53 -20.80
N ARG C 177 -18.64 -20.38 -19.99
CA ARG C 177 -18.81 -21.81 -20.13
C ARG C 177 -19.99 -22.29 -19.29
N GLN C 178 -20.97 -22.88 -19.97
CA GLN C 178 -22.16 -23.42 -19.34
C GLN C 178 -21.84 -24.70 -18.58
N SER C 179 -22.82 -25.19 -17.83
CA SER C 179 -22.62 -26.38 -17.02
C SER C 179 -22.49 -27.65 -17.89
N SER C 180 -22.88 -27.55 -19.15
CA SER C 180 -22.74 -28.67 -20.06
C SER C 180 -21.33 -28.74 -20.60
N GLY C 181 -20.54 -27.69 -20.33
CA GLY C 181 -19.20 -27.60 -20.87
C GLY C 181 -19.13 -26.84 -22.20
N LEU C 182 -20.29 -26.53 -22.77
CA LEU C 182 -20.38 -25.74 -23.99
C LEU C 182 -20.31 -24.25 -23.62
N TYR C 183 -19.93 -23.42 -24.58
CA TYR C 183 -19.69 -22.00 -24.34
C TYR C 183 -20.73 -21.20 -25.08
N SER C 184 -20.97 -19.99 -24.61
CA SER C 184 -21.76 -19.05 -25.38
C SER C 184 -21.32 -17.61 -25.14
N LEU C 185 -21.57 -16.76 -26.13
CA LEU C 185 -21.31 -15.35 -25.96
C LEU C 185 -22.29 -14.52 -26.80
N SER C 186 -22.39 -13.26 -26.44
CA SER C 186 -23.22 -12.33 -27.18
C SER C 186 -22.34 -11.20 -27.69
N SER C 187 -22.76 -10.61 -28.81
CA SER C 187 -22.16 -9.41 -29.33
C SER C 187 -23.28 -8.41 -29.70
N VAL C 188 -23.12 -7.15 -29.29
CA VAL C 188 -24.10 -6.14 -29.69
C VAL C 188 -23.43 -4.99 -30.44
N VAL C 189 -24.24 -4.19 -31.13
CA VAL C 189 -23.72 -3.04 -31.85
C VAL C 189 -24.85 -2.00 -31.94
N SER C 190 -24.52 -0.74 -31.79
CA SER C 190 -25.52 0.31 -31.93
C SER C 190 -25.33 1.00 -33.24
N VAL C 191 -26.43 1.29 -33.93
CA VAL C 191 -26.33 1.89 -35.25
C VAL C 191 -27.49 2.87 -35.44
N THR C 192 -27.38 3.73 -36.44
CA THR C 192 -28.50 4.64 -36.71
C THR C 192 -29.62 3.79 -37.28
N SER C 193 -30.86 4.11 -36.96
CA SER C 193 -31.98 3.26 -37.34
C SER C 193 -32.14 3.12 -38.85
N SER C 194 -31.71 4.13 -39.58
CA SER C 194 -31.90 4.19 -41.05
C SER C 194 -30.84 3.39 -41.78
N SER C 195 -29.84 2.89 -41.04
CA SER C 195 -28.74 2.18 -41.67
C SER C 195 -28.92 0.67 -41.58
N GLN C 196 -30.00 0.23 -40.93
CA GLN C 196 -30.35 -1.18 -40.85
C GLN C 196 -30.63 -1.73 -42.25
N PRO C 197 -30.46 -3.05 -42.45
CA PRO C 197 -30.06 -4.02 -41.41
C PRO C 197 -28.56 -4.29 -41.28
N VAL C 198 -28.19 -4.86 -40.14
CA VAL C 198 -26.81 -5.21 -39.91
C VAL C 198 -26.75 -6.70 -39.81
N THR C 199 -25.62 -7.27 -40.20
CA THR C 199 -25.47 -8.71 -40.15
C THR C 199 -24.23 -9.06 -39.34
N CYS C 200 -24.39 -10.04 -38.47
CA CYS C 200 -23.26 -10.55 -37.75
C CYS C 200 -22.72 -11.76 -38.50
N ASN C 201 -21.40 -11.81 -38.61
CA ASN C 201 -20.73 -12.92 -39.25
C ASN C 201 -20.02 -13.68 -38.13
N VAL C 202 -20.45 -14.92 -37.91
CA VAL C 202 -19.89 -15.72 -36.84
C VAL C 202 -19.02 -16.80 -37.47
N ALA C 203 -17.84 -17.04 -36.91
CA ALA C 203 -16.99 -18.10 -37.42
C ALA C 203 -16.49 -18.95 -36.28
N HIS C 204 -16.42 -20.26 -36.52
CA HIS C 204 -15.93 -21.19 -35.52
C HIS C 204 -14.90 -22.10 -36.17
N PRO C 205 -13.63 -21.68 -36.14
CA PRO C 205 -12.51 -22.37 -36.81
C PRO C 205 -12.43 -23.86 -36.48
N ALA C 206 -12.77 -24.27 -35.27
CA ALA C 206 -12.66 -25.69 -34.90
C ALA C 206 -13.56 -26.64 -35.72
N THR C 207 -14.69 -26.13 -36.21
CA THR C 207 -15.62 -26.94 -37.01
C THR C 207 -15.73 -26.40 -38.43
N ASN C 208 -14.87 -25.42 -38.74
CA ASN C 208 -14.92 -24.65 -39.99
C ASN C 208 -16.33 -24.15 -40.29
N THR C 209 -17.00 -23.64 -39.25
CA THR C 209 -18.33 -23.07 -39.38
C THR C 209 -18.23 -21.59 -39.69
N LYS C 210 -19.03 -21.14 -40.65
CA LYS C 210 -19.21 -19.72 -40.88
C LYS C 210 -20.72 -19.54 -41.06
N VAL C 211 -21.29 -18.64 -40.25
CA VAL C 211 -22.73 -18.44 -40.21
C VAL C 211 -23.00 -16.95 -40.21
N ASP C 212 -23.97 -16.53 -41.03
CA ASP C 212 -24.42 -15.14 -41.03
C ASP C 212 -25.85 -15.05 -40.51
N LYS C 213 -26.14 -14.08 -39.64
CA LYS C 213 -27.51 -13.75 -39.31
C LYS C 213 -27.76 -12.27 -39.51
N THR C 214 -28.61 -11.94 -40.46
CA THR C 214 -29.08 -10.56 -40.60
C THR C 214 -30.15 -10.25 -39.54
N VAL C 215 -29.94 -9.17 -38.78
CA VAL C 215 -30.81 -8.84 -37.66
C VAL C 215 -31.75 -7.72 -38.10
N ALA C 216 -33.05 -8.00 -38.07
CA ALA C 216 -34.04 -7.06 -38.60
C ALA C 216 -34.89 -6.44 -37.50
N ALA D 1 8.58 -25.11 -3.86
CA ALA D 1 9.37 -24.48 -2.81
C ALA D 1 9.16 -22.98 -2.82
N ALA D 2 9.80 -22.30 -3.77
CA ALA D 2 9.71 -20.85 -3.90
C ALA D 2 8.28 -20.38 -4.21
N VAL D 3 7.74 -19.51 -3.34
CA VAL D 3 6.39 -18.97 -3.50
C VAL D 3 6.39 -17.44 -3.58
N LEU D 4 5.73 -16.88 -4.60
CA LEU D 4 5.55 -15.45 -4.75
C LEU D 4 4.15 -15.02 -4.32
N THR D 5 4.08 -14.08 -3.37
CA THR D 5 2.82 -13.54 -2.89
C THR D 5 2.68 -12.07 -3.31
N GLN D 6 1.56 -11.77 -3.95
CA GLN D 6 1.24 -10.41 -4.37
C GLN D 6 0.10 -9.77 -3.59
N THR D 7 0.09 -8.43 -3.60
CA THR D 7 -1.00 -7.64 -3.08
C THR D 7 -2.33 -8.20 -3.55
N PRO D 8 -3.25 -8.53 -2.61
CA PRO D 8 -4.59 -9.09 -2.87
C PRO D 8 -5.40 -8.20 -3.82
N SER D 9 -6.16 -8.84 -4.71
CA SER D 9 -6.99 -8.17 -5.69
C SER D 9 -8.36 -7.87 -5.09
N PRO D 10 -9.00 -6.77 -5.52
CA PRO D 10 -8.50 -5.80 -6.48
C PRO D 10 -7.88 -4.60 -5.79
N VAL D 11 -7.02 -3.88 -6.50
CA VAL D 11 -6.45 -2.62 -6.06
C VAL D 11 -7.07 -1.52 -6.94
N SER D 12 -7.51 -0.43 -6.32
CA SER D 12 -8.12 0.61 -7.12
C SER D 12 -7.24 1.85 -7.10
N ALA D 13 -7.14 2.52 -8.23
CA ALA D 13 -6.31 3.71 -8.35
C ALA D 13 -7.19 4.72 -9.08
N ALA D 14 -7.14 5.98 -8.66
CA ALA D 14 -7.84 7.02 -9.37
C ALA D 14 -7.06 7.41 -10.61
N VAL D 15 -7.76 7.88 -11.63
CA VAL D 15 -7.13 8.42 -12.82
C VAL D 15 -6.21 9.56 -12.46
N GLY D 16 -5.00 9.53 -13.02
CA GLY D 16 -4.02 10.55 -12.72
C GLY D 16 -3.30 10.32 -11.40
N GLY D 17 -3.75 9.34 -10.63
CA GLY D 17 -3.14 9.05 -9.35
C GLY D 17 -1.94 8.12 -9.43
N THR D 18 -1.38 7.80 -8.26
CA THR D 18 -0.23 6.92 -8.17
C THR D 18 -0.64 5.68 -7.40
N VAL D 19 -0.19 4.51 -7.87
CA VAL D 19 -0.51 3.25 -7.21
C VAL D 19 0.77 2.40 -7.10
N THR D 20 0.92 1.71 -5.98
CA THR D 20 2.07 0.84 -5.75
C THR D 20 1.59 -0.53 -5.31
N ILE D 21 2.02 -1.58 -6.00
CA ILE D 21 1.66 -2.95 -5.62
C ILE D 21 2.93 -3.73 -5.31
N SER D 22 2.78 -4.81 -4.56
CA SER D 22 3.93 -5.53 -4.02
C SER D 22 3.97 -7.00 -4.32
N CYS D 23 5.17 -7.55 -4.24
CA CYS D 23 5.43 -8.94 -4.52
C CYS D 23 6.48 -9.41 -3.50
N GLN D 24 6.16 -10.44 -2.73
CA GLN D 24 7.11 -10.97 -1.76
C GLN D 24 7.45 -12.43 -2.06
N SER D 25 8.75 -12.72 -2.16
CA SER D 25 9.23 -14.08 -2.45
C SER D 25 9.64 -14.78 -1.17
N SER D 26 9.23 -16.03 -1.01
CA SER D 26 9.61 -16.76 0.20
C SER D 26 11.10 -17.06 0.25
N GLU D 27 11.80 -16.99 -0.88
CA GLU D 27 13.28 -17.11 -0.84
C GLU D 27 13.91 -16.07 -1.77
N THR D 28 15.16 -15.73 -1.52
CA THR D 28 15.88 -14.73 -2.30
C THR D 28 15.85 -15.06 -3.80
N VAL D 29 15.47 -14.09 -4.63
CA VAL D 29 15.57 -14.28 -6.07
C VAL D 29 17.02 -14.25 -6.54
N TYR D 30 17.25 -14.66 -7.77
CA TYR D 30 18.60 -14.88 -8.26
C TYR D 30 19.35 -13.55 -8.27
N ARG D 31 20.54 -13.52 -7.68
CA ARG D 31 21.34 -12.30 -7.55
C ARG D 31 20.63 -11.19 -6.78
N GLY D 32 19.56 -11.56 -6.07
CA GLY D 32 18.77 -10.60 -5.33
C GLY D 32 17.95 -9.65 -6.20
N ASP D 33 17.99 -9.81 -7.51
CA ASP D 33 17.25 -8.83 -8.34
C ASP D 33 16.50 -9.43 -9.55
N TRP D 34 16.54 -10.75 -9.75
CA TRP D 34 15.79 -11.34 -10.86
C TRP D 34 14.31 -11.33 -10.52
N LEU D 35 13.65 -10.24 -10.90
CA LEU D 35 12.21 -10.11 -10.71
C LEU D 35 11.66 -9.25 -11.86
N SER D 36 10.75 -9.81 -12.64
CA SER D 36 10.15 -9.07 -13.74
C SER D 36 8.70 -8.80 -13.43
N TRP D 37 8.20 -7.67 -13.93
CA TRP D 37 6.77 -7.38 -13.83
C TRP D 37 6.11 -7.39 -15.22
N PHE D 38 4.91 -7.95 -15.32
CA PHE D 38 4.20 -8.02 -16.57
C PHE D 38 2.80 -7.44 -16.42
N GLN D 39 2.31 -6.79 -17.49
CA GLN D 39 0.91 -6.40 -17.58
C GLN D 39 0.21 -7.52 -18.38
N LYS D 40 -0.96 -7.93 -17.91
CA LYS D 40 -1.75 -8.93 -18.62
C LYS D 40 -3.21 -8.48 -18.70
N LYS D 41 -3.69 -8.27 -19.94
CA LYS D 41 -5.10 -7.97 -20.25
C LYS D 41 -5.71 -9.16 -20.99
N PRO D 42 -7.01 -9.44 -20.75
CA PRO D 42 -7.64 -10.59 -21.44
C PRO D 42 -7.51 -10.46 -22.95
N GLY D 43 -7.27 -11.59 -23.63
CA GLY D 43 -7.16 -11.54 -25.06
C GLY D 43 -5.81 -11.09 -25.59
N GLN D 44 -4.86 -10.78 -24.69
CA GLN D 44 -3.57 -10.23 -25.10
C GLN D 44 -2.43 -10.92 -24.33
N PRO D 45 -1.23 -11.05 -24.94
CA PRO D 45 -0.12 -11.72 -24.26
C PRO D 45 0.45 -10.85 -23.15
N PRO D 46 1.12 -11.49 -22.18
CA PRO D 46 1.88 -10.74 -21.18
C PRO D 46 2.81 -9.71 -21.82
N LYS D 47 2.90 -8.54 -21.21
CA LYS D 47 3.77 -7.50 -21.71
C LYS D 47 4.79 -7.15 -20.62
N LEU D 48 6.07 -7.29 -20.95
CA LEU D 48 7.13 -7.01 -20.00
C LEU D 48 7.15 -5.51 -19.70
N LEU D 49 7.06 -5.16 -18.41
CA LEU D 49 7.14 -3.76 -17.98
C LEU D 49 8.50 -3.41 -17.38
N ILE D 50 8.98 -4.32 -16.53
CA ILE D 50 10.18 -4.13 -15.72
C ILE D 50 10.92 -5.48 -15.62
N TYR D 51 12.24 -5.45 -15.76
CA TYR D 51 13.03 -6.67 -15.55
C TYR D 51 14.19 -6.35 -14.60
N ASP D 52 14.76 -7.38 -13.97
CA ASP D 52 15.79 -7.13 -12.95
C ASP D 52 15.38 -6.09 -11.89
N ALA D 53 14.14 -6.22 -11.44
CA ALA D 53 13.58 -5.41 -10.33
C ALA D 53 13.26 -3.97 -10.66
N SER D 54 14.11 -3.31 -11.43
CA SER D 54 14.00 -1.86 -11.61
C SER D 54 14.30 -1.36 -13.03
N TYR D 55 14.55 -2.28 -13.97
CA TYR D 55 14.86 -1.83 -15.32
C TYR D 55 13.61 -1.76 -16.20
N LEU D 56 13.37 -0.58 -16.75
CA LEU D 56 12.22 -0.31 -17.61
C LEU D 56 12.38 -0.96 -18.96
N ALA D 57 11.40 -1.76 -19.35
CA ALA D 57 11.47 -2.46 -20.62
C ALA D 57 11.43 -1.46 -21.76
N SER D 58 12.12 -1.77 -22.87
CA SER D 58 12.12 -0.90 -24.04
C SER D 58 10.70 -0.55 -24.48
N GLY D 59 10.46 0.72 -24.81
CA GLY D 59 9.17 1.14 -25.32
C GLY D 59 8.07 1.28 -24.27
N VAL D 60 8.34 0.93 -23.02
CA VAL D 60 7.35 1.05 -21.97
C VAL D 60 7.44 2.44 -21.29
N SER D 61 6.30 3.09 -21.09
CA SER D 61 6.25 4.41 -20.44
C SER D 61 6.99 4.47 -19.10
N SER D 62 7.75 5.54 -18.91
CA SER D 62 8.42 5.74 -17.63
C SER D 62 7.43 6.05 -16.48
N ARG D 63 6.14 6.02 -16.73
CA ARG D 63 5.16 6.01 -15.65
C ARG D 63 5.23 4.75 -14.81
N PHE D 64 5.80 3.69 -15.37
CA PHE D 64 6.02 2.44 -14.66
C PHE D 64 7.40 2.44 -14.02
N SER D 65 7.46 2.11 -12.73
CA SER D 65 8.76 1.96 -12.08
C SER D 65 8.73 0.80 -11.12
N GLY D 66 9.88 0.14 -11.00
CA GLY D 66 10.00 -0.99 -10.13
C GLY D 66 11.16 -0.76 -9.18
N SER D 67 11.06 -1.30 -7.99
CA SER D 67 12.19 -1.29 -7.08
C SER D 67 12.08 -2.47 -6.16
N GLY D 68 13.10 -2.62 -5.31
CA GLY D 68 13.12 -3.67 -4.32
C GLY D 68 14.38 -4.49 -4.55
N SER D 69 14.62 -5.44 -3.66
CA SER D 69 15.69 -6.43 -3.83
C SER D 69 15.52 -7.56 -2.81
N GLY D 70 16.20 -8.67 -3.07
CA GLY D 70 16.20 -9.78 -2.16
C GLY D 70 14.90 -10.54 -2.29
N THR D 71 13.98 -10.26 -1.37
CA THR D 71 12.70 -10.96 -1.33
C THR D 71 11.49 -10.04 -1.40
N HIS D 72 11.69 -8.73 -1.43
CA HIS D 72 10.53 -7.82 -1.52
C HIS D 72 10.64 -6.77 -2.62
N PHE D 73 9.60 -6.69 -3.46
CA PHE D 73 9.65 -5.87 -4.68
C PHE D 73 8.37 -5.13 -4.88
N THR D 74 8.47 -3.94 -5.48
CA THR D 74 7.27 -3.16 -5.76
C THR D 74 7.20 -2.71 -7.22
N LEU D 75 5.97 -2.54 -7.72
CA LEU D 75 5.71 -1.88 -8.99
C LEU D 75 4.87 -0.66 -8.69
N THR D 76 5.32 0.48 -9.20
CA THR D 76 4.56 1.73 -8.98
C THR D 76 4.11 2.26 -10.34
N ILE D 77 2.84 2.63 -10.45
CA ILE D 77 2.30 3.23 -11.67
C ILE D 77 1.89 4.66 -11.29
N SER D 78 2.52 5.65 -11.92
CA SER D 78 2.14 7.05 -11.67
C SER D 78 1.31 7.56 -12.84
N GLY D 79 0.57 8.64 -12.64
CA GLY D 79 -0.26 9.20 -13.68
C GLY D 79 -1.17 8.14 -14.31
N VAL D 80 -1.77 7.33 -13.44
CA VAL D 80 -2.63 6.20 -13.83
C VAL D 80 -3.67 6.55 -14.91
N GLN D 81 -3.75 5.72 -15.93
CA GLN D 81 -4.68 5.91 -17.05
C GLN D 81 -5.69 4.76 -17.09
N CYS D 82 -6.86 5.01 -17.70
CA CYS D 82 -7.81 3.93 -17.90
C CYS D 82 -7.18 2.76 -18.66
N ASP D 83 -6.22 3.07 -19.53
CA ASP D 83 -5.51 2.04 -20.29
C ASP D 83 -4.63 1.14 -19.40
N ASP D 84 -4.42 1.56 -18.15
CA ASP D 84 -3.60 0.79 -17.21
C ASP D 84 -4.42 -0.31 -16.53
N ALA D 85 -5.74 -0.32 -16.75
CA ALA D 85 -6.62 -1.29 -16.10
C ALA D 85 -6.23 -2.69 -16.58
N ALA D 86 -5.76 -3.55 -15.66
CA ALA D 86 -5.23 -4.85 -16.07
C ALA D 86 -4.85 -5.63 -14.84
N THR D 87 -4.40 -6.87 -15.03
CA THR D 87 -3.81 -7.64 -13.95
C THR D 87 -2.28 -7.66 -14.10
N TYR D 88 -1.60 -7.37 -13.00
CA TYR D 88 -0.14 -7.27 -13.03
C TYR D 88 0.45 -8.48 -12.31
N TYR D 89 1.41 -9.13 -12.97
CA TYR D 89 2.04 -10.33 -12.43
C TYR D 89 3.52 -10.09 -12.22
N CYS D 90 4.07 -10.55 -11.09
CA CYS D 90 5.52 -10.58 -10.95
C CYS D 90 5.99 -12.02 -11.28
N LEU D 91 7.20 -12.15 -11.80
CA LEU D 91 7.81 -13.46 -12.08
C LEU D 91 9.17 -13.52 -11.38
N GLY D 92 9.29 -14.43 -10.43
CA GLY D 92 10.52 -14.61 -9.69
C GLY D 92 11.45 -15.54 -10.43
N GLY D 93 12.72 -15.15 -10.49
CA GLY D 93 13.73 -15.98 -11.12
C GLY D 93 14.72 -16.47 -10.07
N TYR D 94 15.05 -17.75 -10.11
CA TYR D 94 15.90 -18.37 -9.08
C TYR D 94 17.08 -19.11 -9.71
N TYR D 95 18.07 -19.50 -8.91
CA TYR D 95 19.28 -20.15 -9.43
C TYR D 95 18.95 -21.32 -10.38
N ASP D 96 18.00 -22.14 -9.95
CA ASP D 96 17.52 -23.22 -10.78
C ASP D 96 16.22 -22.75 -11.48
N ASP D 97 16.26 -22.66 -12.81
CA ASP D 97 15.07 -22.24 -13.60
C ASP D 97 13.79 -23.00 -13.25
N ALA D 98 13.91 -24.28 -12.87
CA ALA D 98 12.75 -25.08 -12.49
C ALA D 98 11.93 -24.44 -11.37
N ASP D 99 12.56 -23.56 -10.59
CA ASP D 99 11.84 -22.94 -9.47
C ASP D 99 11.09 -21.68 -9.88
N ASP D 100 11.34 -21.18 -11.08
CA ASP D 100 10.80 -19.88 -11.50
C ASP D 100 9.28 -19.88 -11.40
N THR D 101 8.73 -18.76 -10.94
CA THR D 101 7.32 -18.77 -10.60
C THR D 101 6.71 -17.39 -10.67
N PHE D 102 5.45 -17.33 -11.13
CA PHE D 102 4.69 -16.08 -11.13
C PHE D 102 3.98 -15.91 -9.80
N GLY D 103 3.85 -14.67 -9.35
CA GLY D 103 2.88 -14.35 -8.30
C GLY D 103 1.46 -14.54 -8.82
N GLY D 104 0.49 -14.45 -7.91
CA GLY D 104 -0.87 -14.78 -8.27
C GLY D 104 -1.59 -13.67 -9.00
N GLY D 105 -0.90 -12.56 -9.26
CA GLY D 105 -1.53 -11.45 -9.95
C GLY D 105 -2.28 -10.46 -9.05
N THR D 106 -2.20 -9.18 -9.40
CA THR D 106 -2.99 -8.16 -8.73
C THR D 106 -3.76 -7.38 -9.79
N GLU D 107 -5.08 -7.41 -9.68
CA GLU D 107 -5.92 -6.66 -10.62
C GLU D 107 -6.00 -5.21 -10.17
N VAL D 108 -5.69 -4.31 -11.10
CA VAL D 108 -5.79 -2.89 -10.84
C VAL D 108 -7.04 -2.38 -11.55
N VAL D 109 -7.97 -1.83 -10.77
CA VAL D 109 -9.19 -1.23 -11.28
C VAL D 109 -9.02 0.30 -11.27
N VAL D 110 -9.13 0.93 -12.43
CA VAL D 110 -8.96 2.38 -12.50
C VAL D 110 -10.27 3.13 -12.28
N LYS D 111 -10.27 4.08 -11.33
CA LYS D 111 -11.50 4.76 -10.95
C LYS D 111 -11.69 6.05 -11.71
N GLY D 112 -12.58 6.05 -12.68
CA GLY D 112 -13.06 7.28 -13.30
C GLY D 112 -14.38 7.77 -12.71
N ASP D 113 -15.13 8.57 -13.48
CA ASP D 113 -16.39 9.16 -13.02
C ASP D 113 -17.50 8.13 -12.94
N PRO D 114 -18.28 8.16 -11.85
CA PRO D 114 -19.40 7.22 -11.80
C PRO D 114 -20.44 7.56 -12.87
N VAL D 115 -21.10 6.53 -13.38
CA VAL D 115 -22.03 6.66 -14.49
C VAL D 115 -23.00 5.52 -14.32
N ALA D 116 -24.30 5.82 -14.29
CA ALA D 116 -25.31 4.77 -14.26
C ALA D 116 -25.44 4.16 -15.65
N PRO D 117 -25.72 2.85 -15.71
CA PRO D 117 -25.80 2.17 -17.00
C PRO D 117 -27.09 2.56 -17.74
N THR D 118 -27.07 2.46 -19.05
CA THR D 118 -28.31 2.33 -19.77
C THR D 118 -28.50 0.83 -19.98
N VAL D 119 -29.73 0.36 -19.90
CA VAL D 119 -30.00 -1.08 -19.86
C VAL D 119 -30.93 -1.49 -21.00
N LEU D 120 -30.56 -2.56 -21.71
CA LEU D 120 -31.40 -3.09 -22.79
C LEU D 120 -31.78 -4.52 -22.50
N ILE D 121 -32.99 -4.90 -22.86
CA ILE D 121 -33.41 -6.28 -22.65
C ILE D 121 -33.81 -6.89 -24.00
N PHE D 122 -33.42 -8.12 -24.26
CA PHE D 122 -33.68 -8.74 -25.56
C PHE D 122 -34.53 -10.00 -25.42
N PRO D 123 -35.79 -9.93 -25.86
CA PRO D 123 -36.67 -11.11 -25.84
C PRO D 123 -36.10 -12.18 -26.75
N PRO D 124 -36.37 -13.46 -26.48
CA PRO D 124 -35.83 -14.51 -27.35
C PRO D 124 -36.56 -14.55 -28.69
N ALA D 125 -35.81 -14.68 -29.77
CA ALA D 125 -36.40 -14.82 -31.10
C ALA D 125 -37.24 -16.12 -31.18
N ALA D 126 -38.26 -16.13 -32.04
CA ALA D 126 -39.10 -17.31 -32.25
C ALA D 126 -38.29 -18.59 -32.49
N ASP D 127 -37.19 -18.45 -33.24
CA ASP D 127 -36.33 -19.59 -33.54
C ASP D 127 -35.74 -20.21 -32.28
N GLN D 128 -35.43 -19.39 -31.28
CA GLN D 128 -34.97 -19.89 -30.00
C GLN D 128 -36.01 -20.77 -29.36
N VAL D 129 -37.23 -20.25 -29.25
CA VAL D 129 -38.31 -20.94 -28.55
C VAL D 129 -38.51 -22.33 -29.13
N ALA D 130 -38.42 -22.43 -30.46
CA ALA D 130 -38.55 -23.72 -31.16
C ALA D 130 -37.58 -24.79 -30.66
N THR D 131 -36.47 -24.38 -30.06
CA THR D 131 -35.48 -25.35 -29.61
C THR D 131 -35.86 -25.93 -28.25
N GLY D 132 -36.84 -25.32 -27.59
CA GLY D 132 -37.22 -25.76 -26.26
C GLY D 132 -36.39 -25.08 -25.18
N THR D 133 -35.28 -24.46 -25.59
CA THR D 133 -34.44 -23.66 -24.69
C THR D 133 -34.44 -22.17 -25.07
N VAL D 134 -34.75 -21.30 -24.12
CA VAL D 134 -34.66 -19.85 -24.37
C VAL D 134 -33.65 -19.13 -23.46
N THR D 135 -32.99 -18.13 -24.04
CA THR D 135 -32.06 -17.29 -23.29
C THR D 135 -32.48 -15.81 -23.40
N ILE D 136 -32.94 -15.23 -22.30
CA ILE D 136 -33.28 -13.81 -22.29
C ILE D 136 -32.01 -13.05 -21.99
N VAL D 137 -31.71 -12.03 -22.78
CA VAL D 137 -30.45 -11.30 -22.61
C VAL D 137 -30.68 -9.87 -22.12
N CYS D 138 -29.91 -9.44 -21.13
CA CYS D 138 -30.01 -8.06 -20.66
C CYS D 138 -28.60 -7.47 -20.72
N VAL D 139 -28.49 -6.26 -21.23
CA VAL D 139 -27.18 -5.63 -21.36
C VAL D 139 -27.14 -4.31 -20.60
N ALA D 140 -26.13 -4.14 -19.75
CA ALA D 140 -25.91 -2.88 -19.07
C ALA D 140 -24.70 -2.20 -19.71
N ASN D 141 -24.94 -1.03 -20.28
CA ASN D 141 -23.92 -0.37 -21.07
C ASN D 141 -23.27 0.80 -20.37
N LYS D 142 -21.95 0.88 -20.52
CA LYS D 142 -21.17 2.07 -20.18
C LYS D 142 -21.42 2.56 -18.76
N TYR D 143 -20.94 1.78 -17.79
CA TYR D 143 -21.23 2.15 -16.41
C TYR D 143 -19.99 1.99 -15.52
N PHE D 144 -20.05 2.66 -14.37
CA PHE D 144 -19.04 2.51 -13.33
C PHE D 144 -19.62 3.19 -12.06
N PRO D 145 -19.41 2.59 -10.86
CA PRO D 145 -18.63 1.38 -10.62
C PRO D 145 -19.46 0.13 -10.86
N ASP D 146 -19.00 -1.01 -10.35
CA ASP D 146 -19.68 -2.28 -10.59
C ASP D 146 -21.14 -2.27 -10.22
N VAL D 147 -21.88 -3.14 -10.88
CA VAL D 147 -23.30 -3.28 -10.64
C VAL D 147 -23.65 -4.67 -10.18
N THR D 148 -24.85 -4.82 -9.64
CA THR D 148 -25.40 -6.13 -9.31
C THR D 148 -26.68 -6.31 -10.12
N VAL D 149 -26.89 -7.50 -10.67
CA VAL D 149 -28.07 -7.73 -11.50
C VAL D 149 -29.07 -8.67 -10.83
N THR D 150 -30.34 -8.25 -10.82
CA THR D 150 -31.43 -9.08 -10.33
C THR D 150 -32.33 -9.43 -11.51
N TRP D 151 -32.82 -10.66 -11.58
CA TRP D 151 -33.85 -11.00 -12.56
C TRP D 151 -35.14 -11.30 -11.83
N GLU D 152 -36.24 -10.70 -12.26
CA GLU D 152 -37.53 -10.95 -11.63
C GLU D 152 -38.52 -11.42 -12.67
N VAL D 153 -39.31 -12.42 -12.33
CA VAL D 153 -40.37 -12.89 -13.21
C VAL D 153 -41.71 -12.71 -12.50
N ASP D 154 -42.49 -11.74 -12.95
CA ASP D 154 -43.77 -11.40 -12.33
C ASP D 154 -43.56 -11.04 -10.87
N GLY D 155 -42.52 -10.26 -10.61
CA GLY D 155 -42.20 -9.84 -9.25
C GLY D 155 -41.55 -10.90 -8.39
N THR D 156 -41.15 -12.02 -8.99
CA THR D 156 -40.49 -13.11 -8.26
C THR D 156 -39.02 -13.28 -8.68
N THR D 157 -38.12 -12.89 -7.79
CA THR D 157 -36.68 -12.93 -8.04
C THR D 157 -36.19 -14.32 -8.41
N GLN D 158 -35.54 -14.44 -9.57
CA GLN D 158 -35.00 -15.72 -10.04
C GLN D 158 -33.67 -16.03 -9.38
N THR D 159 -33.49 -17.28 -8.96
CA THR D 159 -32.30 -17.65 -8.22
C THR D 159 -31.39 -18.60 -8.99
N THR D 160 -31.78 -18.93 -10.21
CA THR D 160 -31.02 -19.87 -11.00
C THR D 160 -31.10 -19.54 -12.49
N GLY D 161 -30.18 -20.12 -13.26
CA GLY D 161 -30.19 -19.96 -14.70
C GLY D 161 -29.61 -18.64 -15.17
N ILE D 162 -28.91 -17.95 -14.28
CA ILE D 162 -28.33 -16.63 -14.59
C ILE D 162 -26.82 -16.68 -14.83
N GLU D 163 -26.38 -16.15 -15.97
CA GLU D 163 -24.95 -16.06 -16.29
C GLU D 163 -24.58 -14.61 -16.61
N ASN D 164 -23.51 -14.13 -15.99
CA ASN D 164 -23.08 -12.74 -16.15
C ASN D 164 -21.70 -12.67 -16.77
N SER D 165 -21.51 -11.71 -17.67
CA SER D 165 -20.24 -11.55 -18.35
C SER D 165 -19.89 -10.07 -18.55
N LYS D 166 -18.73 -9.67 -18.03
CA LYS D 166 -18.34 -8.26 -17.99
C LYS D 166 -17.15 -8.00 -18.89
N THR D 167 -17.24 -6.96 -19.73
CA THR D 167 -16.09 -6.60 -20.53
C THR D 167 -15.00 -6.00 -19.64
N PRO D 168 -13.76 -5.93 -20.13
CA PRO D 168 -12.76 -5.14 -19.40
C PRO D 168 -13.13 -3.65 -19.41
N GLN D 169 -12.56 -2.90 -18.47
CA GLN D 169 -12.78 -1.46 -18.46
C GLN D 169 -12.40 -0.84 -19.78
N ASN D 170 -13.19 0.14 -20.21
CA ASN D 170 -12.88 0.78 -21.47
C ASN D 170 -11.57 1.51 -21.29
N SER D 171 -10.71 1.46 -22.31
CA SER D 171 -9.40 2.06 -22.17
C SER D 171 -9.42 3.57 -22.36
N ALA D 172 -10.60 4.14 -22.59
CA ALA D 172 -10.71 5.58 -22.73
C ALA D 172 -11.47 6.21 -21.57
N ASP D 173 -12.53 5.57 -21.11
CA ASP D 173 -13.30 6.17 -20.02
C ASP D 173 -13.52 5.30 -18.77
N CYS D 174 -12.88 4.14 -18.74
CA CYS D 174 -12.93 3.28 -17.55
C CYS D 174 -14.26 2.56 -17.33
N THR D 175 -15.22 2.73 -18.23
CA THR D 175 -16.50 2.11 -17.99
C THR D 175 -16.48 0.64 -18.37
N TYR D 176 -17.37 -0.11 -17.71
CA TYR D 176 -17.67 -1.47 -18.07
C TYR D 176 -18.91 -1.57 -18.96
N ASN D 177 -19.05 -2.74 -19.56
CA ASN D 177 -20.30 -3.21 -20.10
C ASN D 177 -20.55 -4.59 -19.59
N LEU D 178 -21.83 -4.94 -19.45
CA LEU D 178 -22.16 -6.21 -18.86
C LEU D 178 -23.31 -6.87 -19.59
N SER D 179 -23.18 -8.17 -19.80
CA SER D 179 -24.25 -8.93 -20.39
C SER D 179 -24.74 -9.89 -19.32
N SER D 180 -26.05 -10.00 -19.15
CA SER D 180 -26.62 -10.91 -18.18
C SER D 180 -27.70 -11.71 -18.87
N THR D 181 -27.60 -13.02 -18.79
CA THR D 181 -28.55 -13.89 -19.47
C THR D 181 -29.29 -14.79 -18.51
N LEU D 182 -30.59 -14.92 -18.73
CA LEU D 182 -31.46 -15.80 -17.99
C LEU D 182 -31.89 -16.91 -18.93
N THR D 183 -31.54 -18.14 -18.61
CA THR D 183 -31.92 -19.26 -19.46
C THR D 183 -33.05 -20.04 -18.81
N LEU D 184 -34.06 -20.39 -19.59
CA LEU D 184 -35.20 -21.18 -19.11
C LEU D 184 -35.67 -22.09 -20.22
N THR D 185 -36.37 -23.16 -19.86
CA THR D 185 -37.02 -24.00 -20.87
C THR D 185 -38.17 -23.18 -21.51
N SER D 186 -38.61 -23.59 -22.70
CA SER D 186 -39.66 -22.84 -23.40
C SER D 186 -40.96 -22.86 -22.61
N THR D 187 -41.18 -23.96 -21.88
CA THR D 187 -42.38 -24.14 -21.10
C THR D 187 -42.38 -23.20 -19.89
N GLN D 188 -41.23 -23.07 -19.23
CA GLN D 188 -41.13 -22.15 -18.11
C GLN D 188 -41.37 -20.74 -18.60
N TYR D 189 -40.86 -20.46 -19.80
CA TYR D 189 -40.99 -19.14 -20.42
C TYR D 189 -42.44 -18.74 -20.68
N ASN D 190 -43.23 -19.69 -21.13
CA ASN D 190 -44.61 -19.39 -21.52
C ASN D 190 -45.60 -19.33 -20.37
N SER D 191 -45.13 -19.74 -19.19
CA SER D 191 -45.94 -19.77 -17.99
C SER D 191 -45.90 -18.44 -17.24
N HIS D 192 -45.17 -17.46 -17.78
CA HIS D 192 -45.09 -16.16 -17.13
C HIS D 192 -45.10 -15.02 -18.15
N LYS D 193 -45.29 -13.79 -17.67
CA LYS D 193 -45.52 -12.65 -18.55
C LYS D 193 -44.50 -11.50 -18.41
N GLU D 194 -44.30 -11.06 -17.19
CA GLU D 194 -43.43 -9.93 -16.88
C GLU D 194 -41.99 -10.38 -16.64
N TYR D 195 -41.08 -9.99 -17.54
CA TYR D 195 -39.66 -10.32 -17.39
C TYR D 195 -38.81 -9.08 -17.16
N THR D 196 -38.20 -9.00 -15.99
CA THR D 196 -37.52 -7.78 -15.56
C THR D 196 -36.03 -7.98 -15.29
N CYS D 197 -35.20 -7.13 -15.89
CA CYS D 197 -33.78 -7.06 -15.59
C CYS D 197 -33.54 -5.82 -14.71
N LYS D 198 -32.99 -6.00 -13.51
CA LYS D 198 -32.77 -4.87 -12.62
C LYS D 198 -31.28 -4.71 -12.31
N VAL D 199 -30.71 -3.59 -12.72
CA VAL D 199 -29.29 -3.38 -12.55
C VAL D 199 -29.05 -2.35 -11.43
N THR D 200 -28.36 -2.76 -10.38
CA THR D 200 -28.22 -1.91 -9.20
C THR D 200 -26.80 -1.47 -8.96
N GLN D 201 -26.64 -0.20 -8.67
CA GLN D 201 -25.32 0.38 -8.52
C GLN D 201 -25.35 1.23 -7.26
N GLY D 202 -25.21 0.59 -6.10
CA GLY D 202 -25.36 1.27 -4.84
C GLY D 202 -26.81 1.64 -4.56
N THR D 203 -27.07 2.93 -4.38
CA THR D 203 -28.44 3.39 -4.15
C THR D 203 -29.21 3.68 -5.45
N THR D 204 -28.57 3.45 -6.59
CA THR D 204 -29.19 3.68 -7.90
C THR D 204 -29.59 2.33 -8.48
N SER D 205 -30.75 2.26 -9.15
CA SER D 205 -31.12 1.07 -9.87
C SER D 205 -31.67 1.45 -11.24
N VAL D 206 -31.33 0.69 -12.27
CA VAL D 206 -31.91 0.92 -13.59
C VAL D 206 -32.60 -0.36 -14.00
N VAL D 207 -33.89 -0.25 -14.29
CA VAL D 207 -34.75 -1.39 -14.48
C VAL D 207 -35.28 -1.38 -15.90
N GLN D 208 -35.23 -2.53 -16.55
CA GLN D 208 -35.75 -2.67 -17.89
C GLN D 208 -36.61 -3.93 -17.92
N SER D 209 -37.76 -3.89 -18.60
CA SER D 209 -38.61 -5.06 -18.66
C SER D 209 -39.35 -5.24 -20.00
N PHE D 210 -39.90 -6.43 -20.20
CA PHE D 210 -40.91 -6.61 -21.26
C PHE D 210 -41.96 -7.56 -20.77
N ASN D 211 -43.11 -7.52 -21.45
CA ASN D 211 -44.17 -8.53 -21.31
C ASN D 211 -44.12 -9.46 -22.51
N ARG D 212 -44.02 -10.76 -22.25
CA ARG D 212 -43.90 -11.77 -23.32
C ARG D 212 -44.88 -11.58 -24.49
N GLY D 213 -46.13 -11.22 -24.18
CA GLY D 213 -47.10 -10.90 -25.20
C GLY D 213 -46.66 -9.81 -26.17
CG 5CT E . -11.59 32.29 -0.89
CD 5CT E . -10.61 31.45 -0.05
CE 5CT E . -11.36 30.48 0.87
NZ 5CT E . -10.44 29.79 1.79
C1 5CT E . -9.45 28.97 1.03
C2 5CT E . -8.14 28.63 1.78
C3 5CT E . -7.96 27.12 1.95
C4 5CT E . -7.14 26.67 3.16
N1 5CT E . -8.08 26.14 4.19
O1 5CT E . -7.96 29.34 3.00
CB 5CT E . -11.06 33.66 -1.30
CA 5CT E . -11.87 34.28 -2.45
C 5CT E . -13.36 34.11 -2.25
O 5CT E . -13.96 34.79 -1.42
N 5CT E . -11.60 35.73 -2.57
C1 GOL F . 6.21 17.11 19.89
O1 GOL F . 5.67 17.59 18.67
C2 GOL F . 7.61 16.58 19.62
O2 GOL F . 8.30 17.44 18.74
C3 GOL F . 8.38 16.40 20.93
O3 GOL F . 8.74 15.04 20.97
C1 GOL G . -1.41 -26.76 -12.13
O1 GOL G . -2.00 -27.86 -12.81
C2 GOL G . -0.55 -27.26 -10.98
O2 GOL G . 0.44 -26.29 -10.66
C3 GOL G . -1.44 -27.53 -9.77
O3 GOL G . -0.67 -27.76 -8.61
C1 GOL H . -7.53 -14.83 -22.64
O1 GOL H . -8.53 -14.24 -21.84
C2 GOL H . -6.18 -14.61 -21.95
O2 GOL H . -5.27 -13.93 -22.77
C3 GOL H . -5.55 -15.94 -21.63
O3 GOL H . -4.22 -15.64 -21.28
C1 GOL I . 20.31 -16.15 -5.13
O1 GOL I . 21.32 -16.02 -6.13
C2 GOL I . 19.76 -17.58 -5.11
O2 GOL I . 20.83 -18.44 -5.38
C3 GOL I . 18.66 -17.76 -6.16
O3 GOL I . 18.06 -19.04 -6.05
CG 5CT J . 24.54 -19.96 -13.56
CD 5CT J . 23.10 -20.41 -13.78
CE 5CT J . 22.12 -19.59 -12.93
NZ 5CT J . 20.81 -19.55 -13.60
C1 5CT J . 19.89 -18.54 -13.02
C2 5CT J . 18.96 -17.88 -14.05
C3 5CT J . 17.83 -17.10 -13.37
C4 5CT J . 16.41 -17.29 -13.94
N1 5CT J . 15.77 -18.42 -13.25
O1 5CT J . 18.50 -18.80 -15.04
CB 5CT J . 25.54 -20.59 -14.53
CA 5CT J . 26.98 -20.22 -14.17
C 5CT J . 27.38 -20.95 -12.91
O 5CT J . 27.35 -22.17 -12.89
N 5CT J . 27.89 -20.58 -15.27
#